data_9FGV
#
_entry.id   9FGV
#
_cell.length_a   1.00
_cell.length_b   1.00
_cell.length_c   1.00
_cell.angle_alpha   90.00
_cell.angle_beta   90.00
_cell.angle_gamma   90.00
#
_symmetry.space_group_name_H-M   'P 1'
#
loop_
_entity.id
_entity.type
_entity.pdbx_description
1 polymer 'Maltose/maltodextrin-binding periplasmic protein'
2 polymer 'Gluebody anti-MBP'
#
loop_
_entity_poly.entity_id
_entity_poly.type
_entity_poly.pdbx_seq_one_letter_code
_entity_poly.pdbx_strand_id
1 'polypeptide(L)'
;MKIEEGKLVIWINGDKGYNGLAEVGKKFEKDTGIKVTVEHPDKLEEKFPQVAATGDGPDIIFWAHDRFGGYAQSGLLAEI
TPDKAFQDKLYPFTWDAVRYNGKLIAYPIAVEALSLIYNKDLLPNPPKTWEEIPALDKELKAKGKSALMFNLQEPYFTWP
LIAADGGYAFKYENGKYDIKDVGVDNAGAKAGLTFLVDLIKNKHMNADTDYSIAEAAFNKGETAMTINGPWAWSNIDTSK
VNYGVTVLPTFKGQPSKPFVGVLSAGINAASPNKELAKEFLENYLLTDEGLEAVNKDKPLGAVALKSYEEELAKDPRIAA
TMENAQKGEIMPNIPQMSAFWYAVRTAVINAASGRQTVDEALKDAQTNSGGSHHHHHHSSGVDLGTENLYFQ
;
A,C
2 'polypeptide(L)'
;SQVQLVENGGGCVKAGGSLRLSCVASGDIKYISYLGWFRQAPGKEREGVAALYTSTGRTYYADSVKGRFTVSLDNAKNTV
YLQMNSLKPEDTALYYCAAAEWGSQSPLTQWFYRYWGQGTQVMVS
;
B,D
#
# COMPACT_ATOMS: atom_id res chain seq x y z
N LYS A 2 3.48 18.08 25.57
CA LYS A 2 4.24 16.96 25.04
C LYS A 2 5.73 17.30 24.97
N ILE A 3 6.03 18.53 24.55
CA ILE A 3 7.42 19.00 24.49
C ILE A 3 7.86 19.43 25.88
N GLU A 4 8.96 18.85 26.35
CA GLU A 4 9.43 19.14 27.70
C GLU A 4 9.93 20.57 27.82
N GLU A 5 9.50 21.26 28.87
CA GLU A 5 9.94 22.62 29.11
C GLU A 5 11.33 22.64 29.74
N GLY A 6 11.94 23.82 29.74
CA GLY A 6 13.25 24.00 30.33
C GLY A 6 14.42 23.62 29.46
N LYS A 7 14.18 23.17 28.23
CA LYS A 7 15.25 22.80 27.33
C LYS A 7 14.81 23.04 25.89
N LEU A 8 15.78 23.14 24.99
CA LEU A 8 15.54 23.43 23.59
C LEU A 8 15.88 22.21 22.74
N VAL A 9 14.97 21.84 21.85
CA VAL A 9 15.17 20.74 20.91
C VAL A 9 15.14 21.32 19.51
N ILE A 10 16.22 21.11 18.76
CA ILE A 10 16.35 21.65 17.41
C ILE A 10 16.62 20.49 16.45
N TRP A 11 15.86 20.44 15.36
CA TRP A 11 16.04 19.43 14.33
C TRP A 11 16.62 20.07 13.08
N ILE A 12 17.71 19.49 12.57
CA ILE A 12 18.43 20.02 11.42
C ILE A 12 18.65 18.88 10.44
N ASN A 13 18.82 19.22 9.16
CA ASN A 13 19.10 18.22 8.15
C ASN A 13 20.52 17.67 8.31
N GLY A 14 20.72 16.46 7.78
CA GLY A 14 21.99 15.78 7.94
C GLY A 14 23.12 16.35 7.10
N ASP A 15 22.81 17.19 6.13
CA ASP A 15 23.83 17.82 5.28
C ASP A 15 24.25 19.19 5.77
N LYS A 16 23.73 19.64 6.91
CA LYS A 16 24.05 20.95 7.46
C LYS A 16 25.02 20.81 8.63
N GLY A 17 25.29 21.94 9.28
CA GLY A 17 26.24 21.97 10.37
C GLY A 17 25.67 21.61 11.73
N TYR A 18 25.36 20.32 11.92
CA TYR A 18 24.79 19.89 13.19
C TYR A 18 25.80 19.99 14.33
N ASN A 19 27.08 19.71 14.06
CA ASN A 19 28.09 19.87 15.12
C ASN A 19 28.27 21.33 15.50
N GLY A 20 28.26 22.23 14.51
CA GLY A 20 28.30 23.65 14.83
C GLY A 20 27.09 24.10 15.62
N LEU A 21 25.91 23.58 15.26
CA LEU A 21 24.71 23.85 16.05
C LEU A 21 24.86 23.35 17.47
N ALA A 22 25.48 22.19 17.65
CA ALA A 22 25.75 21.67 18.98
C ALA A 22 26.68 22.58 19.76
N GLU A 23 27.72 23.12 19.09
CA GLU A 23 28.62 24.04 19.76
CA GLU A 23 28.62 24.04 19.76
C GLU A 23 27.89 25.32 20.17
N VAL A 24 27.01 25.82 19.31
CA VAL A 24 26.23 27.01 19.67
C VAL A 24 25.30 26.72 20.84
N GLY A 25 24.72 25.52 20.87
CA GLY A 25 23.90 25.12 22.00
C GLY A 25 24.70 25.00 23.29
N LYS A 26 25.94 24.52 23.18
CA LYS A 26 26.82 24.46 24.34
C LYS A 26 27.12 25.87 24.86
N LYS A 27 27.36 26.81 23.95
CA LYS A 27 27.55 28.20 24.36
C LYS A 27 26.30 28.73 25.05
N PHE A 28 25.12 28.41 24.50
CA PHE A 28 23.87 28.87 25.10
C PHE A 28 23.69 28.30 26.51
N GLU A 29 23.98 27.01 26.70
CA GLU A 29 23.81 26.42 28.02
C GLU A 29 24.85 26.95 29.00
N LYS A 30 26.07 27.24 28.52
CA LYS A 30 27.05 27.88 29.39
C LYS A 30 26.58 29.26 29.81
N ASP A 31 25.95 30.00 28.90
CA ASP A 31 25.53 31.37 29.21
C ASP A 31 24.30 31.41 30.11
N THR A 32 23.33 30.51 29.90
CA THR A 32 22.03 30.65 30.53
C THR A 32 21.64 29.52 31.48
N GLY A 33 22.22 28.33 31.33
CA GLY A 33 21.82 27.19 32.14
C GLY A 33 20.75 26.31 31.54
N ILE A 34 20.40 26.52 30.27
CA ILE A 34 19.37 25.74 29.58
C ILE A 34 20.06 24.86 28.55
N LYS A 35 19.92 23.55 28.71
CA LYS A 35 20.55 22.61 27.79
C LYS A 35 19.87 22.63 26.42
N VAL A 36 20.66 22.41 25.38
CA VAL A 36 20.18 22.40 24.01
C VAL A 36 20.56 21.06 23.39
N THR A 37 19.59 20.40 22.76
CA THR A 37 19.79 19.12 22.09
C THR A 37 19.71 19.31 20.59
N VAL A 38 20.74 18.84 19.87
CA VAL A 38 20.82 18.97 18.43
C VAL A 38 20.75 17.57 17.83
N GLU A 39 19.81 17.38 16.91
CA GLU A 39 19.57 16.09 16.28
C GLU A 39 19.40 16.27 14.79
N HIS A 40 19.68 15.20 14.04
CA HIS A 40 19.51 15.16 12.59
C HIS A 40 18.70 13.92 12.21
N PRO A 41 17.40 13.92 12.53
CA PRO A 41 16.59 12.73 12.25
C PRO A 41 16.49 12.45 10.75
N ASP A 42 16.45 11.16 10.42
CA ASP A 42 16.28 10.75 9.03
C ASP A 42 14.87 11.06 8.57
N LYS A 43 14.74 11.38 7.27
CA LYS A 43 13.46 11.75 6.67
C LYS A 43 12.82 12.92 7.42
N LEU A 44 13.62 13.96 7.67
CA LEU A 44 13.14 15.10 8.44
C LEU A 44 11.99 15.81 7.75
N GLU A 45 12.06 15.96 6.43
CA GLU A 45 11.06 16.73 5.70
C GLU A 45 9.66 16.17 5.89
N GLU A 46 9.53 14.85 6.04
CA GLU A 46 8.24 14.23 6.31
C GLU A 46 7.99 13.97 7.79
N LYS A 47 9.05 13.85 8.59
CA LYS A 47 8.87 13.57 10.01
C LYS A 47 8.40 14.80 10.77
N PHE A 48 8.92 15.98 10.44
CA PHE A 48 8.56 17.18 11.18
C PHE A 48 7.08 17.52 11.11
N PRO A 49 6.44 17.57 9.93
CA PRO A 49 4.99 17.84 9.93
C PRO A 49 4.18 16.78 10.65
N GLN A 50 4.61 15.51 10.56
CA GLN A 50 3.84 14.43 11.19
C GLN A 50 3.83 14.59 12.71
N VAL A 51 4.97 14.93 13.30
CA VAL A 51 5.02 15.09 14.75
C VAL A 51 4.48 16.44 15.17
N ALA A 52 4.53 17.45 14.29
CA ALA A 52 3.99 18.76 14.62
C ALA A 52 2.47 18.78 14.58
N ALA A 53 1.86 17.94 13.74
CA ALA A 53 0.41 17.87 13.69
C ALA A 53 -0.19 17.29 14.97
N THR A 54 0.60 16.55 15.74
CA THR A 54 0.14 15.95 16.99
C THR A 54 0.56 16.74 18.22
N GLY A 55 1.07 17.95 18.04
CA GLY A 55 1.50 18.77 19.16
C GLY A 55 2.87 18.45 19.70
N ASP A 56 3.67 17.65 19.01
CA ASP A 56 5.01 17.28 19.44
C ASP A 56 6.03 17.81 18.43
N GLY A 57 7.29 17.42 18.62
CA GLY A 57 8.34 17.80 17.71
C GLY A 57 9.37 18.72 18.37
N PRO A 58 10.34 19.16 17.58
CA PRO A 58 11.38 20.04 18.11
C PRO A 58 10.87 21.45 18.36
N ASP A 59 11.55 22.13 19.28
CA ASP A 59 11.22 23.53 19.55
C ASP A 59 11.56 24.41 18.35
N ILE A 60 12.69 24.14 17.70
CA ILE A 60 13.14 24.93 16.56
C ILE A 60 13.41 23.97 15.40
N ILE A 61 12.94 24.35 14.21
CA ILE A 61 13.10 23.53 13.01
C ILE A 61 13.90 24.32 11.98
N PHE A 62 14.85 23.65 11.33
CA PHE A 62 15.64 24.23 10.26
C PHE A 62 15.26 23.57 8.94
N TRP A 63 14.82 24.37 7.98
CA TRP A 63 14.49 23.88 6.65
C TRP A 63 14.38 25.09 5.72
N ALA A 64 14.29 24.80 4.42
CA ALA A 64 14.13 25.86 3.44
C ALA A 64 12.77 26.53 3.60
N HIS A 65 12.71 27.81 3.20
CA HIS A 65 11.53 28.61 3.45
C HIS A 65 10.34 28.21 2.60
N ASP A 66 10.54 27.45 1.52
CA ASP A 66 9.42 27.08 0.66
C ASP A 66 8.43 26.18 1.38
N ARG A 67 8.92 25.25 2.20
CA ARG A 67 8.04 24.39 2.97
C ARG A 67 7.49 25.08 4.21
N PHE A 68 8.13 26.16 4.66
CA PHE A 68 7.66 26.86 5.85
C PHE A 68 6.30 27.53 5.60
N GLY A 69 6.02 27.94 4.36
CA GLY A 69 4.71 28.47 4.05
C GLY A 69 3.61 27.44 4.26
N GLY A 70 3.82 26.22 3.77
CA GLY A 70 2.87 25.16 4.00
C GLY A 70 2.77 24.79 5.47
N TYR A 71 3.90 24.81 6.18
CA TYR A 71 3.89 24.52 7.61
C TYR A 71 3.07 25.55 8.37
N ALA A 72 3.21 26.83 8.02
CA ALA A 72 2.41 27.88 8.65
C ALA A 72 0.95 27.77 8.27
N GLN A 73 0.66 27.35 7.02
CA GLN A 73 -0.72 27.11 6.63
C GLN A 73 -1.34 26.01 7.47
N SER A 74 -0.58 24.94 7.74
CA SER A 74 -1.05 23.88 8.62
C SER A 74 -1.08 24.30 10.08
N GLY A 75 -0.53 25.47 10.42
CA GLY A 75 -0.51 25.92 11.79
C GLY A 75 0.59 25.33 12.64
N LEU A 76 1.64 24.79 12.03
CA LEU A 76 2.73 24.16 12.74
C LEU A 76 3.84 25.14 13.12
N LEU A 77 3.75 26.40 12.71
CA LEU A 77 4.77 27.40 12.99
C LEU A 77 4.16 28.56 13.77
N ALA A 78 4.86 28.99 14.81
CA ALA A 78 4.43 30.11 15.62
C ALA A 78 5.01 31.41 15.09
N GLU A 79 4.26 32.49 15.31
CA GLU A 79 4.69 33.80 14.84
C GLU A 79 5.84 34.32 15.69
N ILE A 80 6.86 34.86 15.03
CA ILE A 80 8.00 35.47 15.71
C ILE A 80 7.78 36.97 15.78
N THR A 81 8.37 37.60 16.78
CA THR A 81 8.23 39.04 17.01
C THR A 81 9.61 39.67 17.18
N PRO A 82 10.37 39.83 16.10
CA PRO A 82 11.66 40.50 16.19
C PRO A 82 11.51 42.01 16.14
N ASP A 83 12.33 42.70 16.93
CA ASP A 83 12.33 44.15 16.96
CA ASP A 83 12.31 44.15 16.95
C ASP A 83 13.01 44.72 15.72
N LYS A 84 12.82 46.02 15.50
CA LYS A 84 13.41 46.67 14.33
C LYS A 84 14.93 46.64 14.38
N ALA A 85 15.52 46.65 15.58
CA ALA A 85 16.97 46.60 15.69
C ALA A 85 17.53 45.30 15.12
N PHE A 86 16.88 44.17 15.43
CA PHE A 86 17.30 42.90 14.87
C PHE A 86 16.88 42.74 13.42
N GLN A 87 15.74 43.33 13.03
CA GLN A 87 15.30 43.25 11.64
C GLN A 87 16.28 43.98 10.72
N ASP A 88 16.81 45.11 11.16
CA ASP A 88 17.80 45.84 10.36
C ASP A 88 19.10 45.06 10.21
N LYS A 89 19.36 44.08 11.08
CA LYS A 89 20.58 43.28 10.97
C LYS A 89 20.51 42.28 9.83
N LEU A 90 19.32 41.98 9.33
CA LEU A 90 19.14 41.03 8.25
C LEU A 90 18.65 41.75 7.00
N TYR A 91 18.82 41.10 5.85
CA TYR A 91 18.49 41.72 4.58
C TYR A 91 16.97 41.78 4.38
N PRO A 92 16.48 42.83 3.73
CA PRO A 92 15.03 42.93 3.49
C PRO A 92 14.46 41.77 2.69
N PHE A 93 15.19 41.28 1.69
CA PHE A 93 14.68 40.15 0.92
C PHE A 93 14.71 38.86 1.75
N THR A 94 15.71 38.71 2.62
CA THR A 94 15.72 37.58 3.55
C THR A 94 14.50 37.63 4.47
N TRP A 95 14.17 38.82 4.97
CA TRP A 95 12.95 38.95 5.78
C TRP A 95 11.71 38.64 4.95
N ASP A 96 11.72 39.03 3.68
CA ASP A 96 10.61 38.72 2.79
C ASP A 96 10.45 37.20 2.64
N ALA A 97 11.57 36.47 2.68
CA ALA A 97 11.53 35.02 2.51
C ALA A 97 10.74 34.31 3.61
N VAL A 98 10.55 34.94 4.77
CA VAL A 98 9.92 34.26 5.90
C VAL A 98 8.60 34.92 6.22
N ARG A 99 7.96 35.52 5.22
CA ARG A 99 6.68 36.20 5.39
C ARG A 99 5.58 35.37 4.75
N TYR A 100 4.57 35.02 5.54
CA TYR A 100 3.39 34.31 5.05
C TYR A 100 2.17 34.89 5.74
N ASN A 101 1.14 35.20 4.95
CA ASN A 101 -0.10 35.78 5.45
C ASN A 101 0.14 37.09 6.20
N GLY A 102 1.18 37.82 5.81
CA GLY A 102 1.49 39.10 6.42
C GLY A 102 2.16 39.04 7.77
N LYS A 103 2.52 37.85 8.24
CA LYS A 103 3.15 37.68 9.54
C LYS A 103 4.46 36.91 9.40
N LEU A 104 5.48 37.36 10.11
CA LEU A 104 6.77 36.66 10.11
C LEU A 104 6.63 35.34 10.84
N ILE A 105 7.18 34.28 10.25
CA ILE A 105 7.01 32.93 10.79
C ILE A 105 8.33 32.26 11.16
N ALA A 106 9.46 32.78 10.71
CA ALA A 106 10.73 32.10 10.94
C ALA A 106 11.87 33.09 10.78
N TYR A 107 13.06 32.68 11.22
CA TYR A 107 14.25 33.52 11.16
C TYR A 107 15.17 33.05 10.04
N PRO A 108 15.46 33.89 9.05
CA PRO A 108 16.40 33.50 7.99
C PRO A 108 17.78 33.19 8.55
N ILE A 109 18.46 32.21 7.95
CA ILE A 109 19.78 31.80 8.40
C ILE A 109 20.78 31.91 7.26
N ALA A 110 20.55 31.16 6.19
CA ALA A 110 21.46 31.11 5.05
C ALA A 110 20.69 31.26 3.76
N VAL A 111 21.36 31.79 2.73
CA VAL A 111 20.77 32.07 1.43
C VAL A 111 21.54 31.28 0.38
N GLU A 112 20.82 30.54 -0.45
CA GLU A 112 21.40 29.75 -1.53
C GLU A 112 20.75 30.11 -2.86
N ALA A 113 21.56 30.21 -3.90
CA ALA A 113 21.06 30.54 -5.22
C ALA A 113 22.07 30.06 -6.26
N LEU A 114 21.60 29.98 -7.51
CA LEU A 114 22.47 29.57 -8.60
C LEU A 114 23.49 30.65 -8.92
N SER A 115 24.59 30.23 -9.55
CA SER A 115 25.65 31.15 -9.92
C SER A 115 26.36 30.61 -11.15
N LEU A 116 27.03 31.51 -11.86
CA LEU A 116 27.80 31.15 -13.05
C LEU A 116 29.19 30.69 -12.63
N ILE A 117 29.57 29.49 -13.04
CA ILE A 117 30.88 28.92 -12.73
C ILE A 117 31.65 28.81 -14.03
N TYR A 118 32.81 29.45 -14.10
CA TYR A 118 33.60 29.52 -15.31
C TYR A 118 35.03 29.06 -15.04
N ASN A 119 35.69 28.58 -16.09
CA ASN A 119 37.06 28.09 -16.00
C ASN A 119 38.01 29.26 -16.26
N LYS A 120 38.84 29.57 -15.26
CA LYS A 120 39.77 30.69 -15.39
C LYS A 120 40.81 30.43 -16.47
N ASP A 121 41.34 29.20 -16.54
CA ASP A 121 42.37 28.89 -17.52
C ASP A 121 41.84 29.00 -18.94
N LEU A 122 40.63 28.48 -19.19
CA LEU A 122 40.03 28.52 -20.51
C LEU A 122 39.29 29.82 -20.79
N LEU A 123 39.04 30.64 -19.77
CA LEU A 123 38.29 31.88 -19.95
C LEU A 123 38.61 32.85 -18.82
N PRO A 124 39.66 33.67 -18.95
CA PRO A 124 39.97 34.63 -17.90
C PRO A 124 38.85 35.65 -17.64
N ASN A 125 38.13 36.05 -18.67
CA ASN A 125 37.06 37.05 -18.55
C ASN A 125 35.73 36.45 -18.96
N PRO A 126 34.89 36.02 -18.01
CA PRO A 126 33.58 35.49 -18.38
C PRO A 126 32.71 36.57 -18.99
N PRO A 127 31.86 36.22 -19.95
CA PRO A 127 30.97 37.22 -20.55
C PRO A 127 29.93 37.71 -19.54
N LYS A 128 29.54 38.97 -19.71
CA LYS A 128 28.54 39.59 -18.85
C LYS A 128 27.13 39.52 -19.44
N THR A 129 26.99 39.09 -20.70
CA THR A 129 25.69 39.02 -21.36
C THR A 129 25.52 37.66 -22.01
N TRP A 130 24.27 37.23 -22.12
CA TRP A 130 23.95 35.98 -22.79
C TRP A 130 24.22 36.03 -24.29
N GLU A 131 24.18 37.23 -24.89
CA GLU A 131 24.37 37.35 -26.33
C GLU A 131 25.80 37.08 -26.76
N GLU A 132 26.77 37.23 -25.86
CA GLU A 132 28.16 36.92 -26.17
C GLU A 132 28.43 35.43 -26.18
N ILE A 133 27.56 34.64 -25.54
CA ILE A 133 27.78 33.19 -25.44
C ILE A 133 27.89 32.51 -26.80
N PRO A 134 27.05 32.81 -27.80
CA PRO A 134 27.25 32.15 -29.11
C PRO A 134 28.61 32.43 -29.74
N ALA A 135 29.06 33.69 -29.71
CA ALA A 135 30.35 34.02 -30.28
C ALA A 135 31.48 33.35 -29.52
N LEU A 136 31.40 33.36 -28.18
CA LEU A 136 32.43 32.70 -27.37
C LEU A 136 32.45 31.20 -27.64
N ASP A 137 31.28 30.60 -27.80
CA ASP A 137 31.21 29.17 -28.07
C ASP A 137 31.80 28.84 -29.43
N LYS A 138 31.54 29.68 -30.44
CA LYS A 138 32.19 29.45 -31.73
C LYS A 138 33.70 29.59 -31.64
N GLU A 139 34.17 30.61 -30.91
CA GLU A 139 35.61 30.79 -30.73
C GLU A 139 36.24 29.59 -30.04
N LEU A 140 35.57 29.03 -29.03
CA LEU A 140 36.10 27.86 -28.35
C LEU A 140 35.99 26.60 -29.22
N LYS A 141 34.94 26.49 -30.03
CA LYS A 141 34.82 25.36 -30.96
C LYS A 141 35.90 25.42 -32.03
N ALA A 142 36.40 26.62 -32.35
CA ALA A 142 37.57 26.71 -33.21
C ALA A 142 38.79 26.06 -32.58
N LYS A 143 38.80 25.91 -31.25
CA LYS A 143 39.84 25.19 -30.54
C LYS A 143 39.37 23.81 -30.08
N GLY A 144 38.25 23.33 -30.62
CA GLY A 144 37.72 22.04 -30.25
C GLY A 144 37.21 21.94 -28.82
N LYS A 145 36.52 22.97 -28.35
CA LYS A 145 35.94 22.95 -27.01
C LYS A 145 34.51 23.48 -27.03
N SER A 146 33.92 23.65 -25.85
CA SER A 146 32.58 24.21 -25.71
C SER A 146 32.59 25.29 -24.64
N ALA A 147 31.64 26.22 -24.74
CA ALA A 147 31.60 27.35 -23.83
C ALA A 147 30.79 27.06 -22.57
N LEU A 148 29.50 26.75 -22.74
CA LEU A 148 28.60 26.58 -21.61
C LEU A 148 27.57 25.51 -21.91
N MET A 149 27.40 24.58 -20.99
CA MET A 149 26.26 23.66 -21.01
C MET A 149 25.91 23.33 -19.57
N PHE A 150 24.62 23.30 -19.26
CA PHE A 150 24.12 23.07 -17.92
C PHE A 150 22.87 22.21 -18.00
N ASN A 151 22.24 21.98 -16.85
CA ASN A 151 21.07 21.11 -16.76
C ASN A 151 19.89 21.78 -17.45
N LEU A 152 19.52 21.29 -18.62
CA LEU A 152 18.34 21.76 -19.33
C LEU A 152 17.09 20.98 -18.95
N GLN A 153 17.23 19.90 -18.18
CA GLN A 153 16.11 19.08 -17.75
C GLN A 153 15.42 19.60 -16.50
N GLU A 154 15.91 20.69 -15.92
CA GLU A 154 15.38 21.22 -14.67
C GLU A 154 14.85 22.63 -14.87
N PRO A 155 13.57 22.88 -14.58
CA PRO A 155 13.08 24.28 -14.58
C PRO A 155 13.83 25.16 -13.60
N TYR A 156 14.28 24.61 -12.48
CA TYR A 156 15.07 25.39 -11.53
C TYR A 156 16.34 25.93 -12.18
N PHE A 157 16.92 25.19 -13.12
CA PHE A 157 18.11 25.65 -13.82
C PHE A 157 17.81 26.49 -15.04
N THR A 158 16.69 26.23 -15.73
CA THR A 158 16.36 26.98 -16.93
C THR A 158 15.64 28.29 -16.64
N TRP A 159 15.16 28.51 -15.41
CA TRP A 159 14.45 29.74 -15.09
C TRP A 159 15.29 31.01 -15.22
N PRO A 160 16.55 31.07 -14.78
CA PRO A 160 17.28 32.36 -14.84
C PRO A 160 17.31 32.99 -16.23
N LEU A 161 17.46 32.20 -17.28
CA LEU A 161 17.47 32.78 -18.63
C LEU A 161 16.07 33.17 -19.08
N ILE A 162 15.07 32.33 -18.77
CA ILE A 162 13.72 32.56 -19.25
C ILE A 162 13.11 33.80 -18.60
N ALA A 163 13.23 33.92 -17.28
CA ALA A 163 12.60 34.99 -16.52
C ALA A 163 13.51 36.19 -16.32
N ALA A 164 14.45 36.43 -17.23
CA ALA A 164 15.39 37.54 -17.05
C ALA A 164 14.74 38.88 -17.35
N ASP A 165 13.80 38.91 -18.29
CA ASP A 165 13.24 40.16 -18.81
C ASP A 165 11.80 40.37 -18.34
N GLY A 166 11.51 40.04 -17.08
CA GLY A 166 10.20 40.28 -16.50
C GLY A 166 9.40 39.02 -16.22
N GLY A 167 9.87 37.85 -16.63
CA GLY A 167 9.14 36.63 -16.31
C GLY A 167 9.12 36.38 -14.81
N TYR A 168 8.03 35.77 -14.35
CA TYR A 168 7.87 35.47 -12.94
C TYR A 168 6.94 34.28 -12.78
N ALA A 169 7.06 33.60 -11.65
CA ALA A 169 6.20 32.45 -11.37
C ALA A 169 4.84 32.90 -10.85
N PHE A 170 4.81 33.56 -9.71
CA PHE A 170 3.59 34.05 -9.10
C PHE A 170 3.76 35.52 -8.73
N LYS A 171 2.74 36.31 -9.00
CA LYS A 171 2.80 37.74 -8.69
C LYS A 171 2.81 37.95 -7.18
N TYR A 172 3.72 38.78 -6.70
CA TYR A 172 3.88 39.06 -5.27
C TYR A 172 3.64 40.55 -5.02
N GLU A 173 2.64 40.84 -4.21
CA GLU A 173 2.28 42.22 -3.87
C GLU A 173 1.83 42.28 -2.43
N ASN A 174 2.50 43.13 -1.64
CA ASN A 174 2.11 43.40 -0.26
C ASN A 174 2.06 42.13 0.59
N GLY A 175 3.09 41.30 0.44
CA GLY A 175 3.22 40.12 1.27
C GLY A 175 2.26 39.00 0.95
N LYS A 176 1.69 38.99 -0.25
CA LYS A 176 0.78 37.93 -0.66
C LYS A 176 1.05 37.57 -2.11
N TYR A 177 0.97 36.27 -2.41
CA TYR A 177 1.22 35.76 -3.76
C TYR A 177 -0.10 35.55 -4.47
N ASP A 178 -0.23 36.14 -5.66
CA ASP A 178 -1.47 36.05 -6.44
C ASP A 178 -1.39 34.79 -7.31
N ILE A 179 -2.16 33.77 -6.93
CA ILE A 179 -2.15 32.50 -7.66
C ILE A 179 -2.66 32.69 -9.08
N LYS A 180 -3.76 33.45 -9.23
CA LYS A 180 -4.37 33.64 -10.55
C LYS A 180 -3.50 34.46 -11.49
N ASP A 181 -2.48 35.16 -10.99
CA ASP A 181 -1.59 35.97 -11.82
C ASP A 181 -0.29 35.20 -12.00
N VAL A 182 -0.09 34.63 -13.19
CA VAL A 182 1.10 33.86 -13.52
C VAL A 182 1.70 34.43 -14.79
N GLY A 183 3.01 34.69 -14.78
CA GLY A 183 3.68 35.27 -15.93
C GLY A 183 4.56 34.30 -16.68
N VAL A 184 4.09 33.06 -16.85
CA VAL A 184 4.87 32.07 -17.58
C VAL A 184 4.93 32.40 -19.05
N ASP A 185 3.83 32.92 -19.62
CA ASP A 185 3.73 33.18 -21.04
C ASP A 185 3.73 34.68 -21.38
N ASN A 186 4.49 35.47 -20.62
CA ASN A 186 4.61 36.89 -20.91
C ASN A 186 5.72 37.14 -21.93
N ALA A 187 5.91 38.40 -22.29
CA ALA A 187 6.88 38.75 -23.33
C ALA A 187 8.30 38.41 -22.90
N GLY A 188 8.66 38.70 -21.66
CA GLY A 188 10.01 38.43 -21.20
C GLY A 188 10.33 36.95 -21.19
N ALA A 189 9.41 36.13 -20.67
CA ALA A 189 9.62 34.68 -20.66
C ALA A 189 9.65 34.13 -22.08
N LYS A 190 8.80 34.68 -22.97
CA LYS A 190 8.82 34.24 -24.36
C LYS A 190 10.18 34.53 -25.00
N ALA A 191 10.72 35.73 -24.76
CA ALA A 191 12.02 36.07 -25.32
C ALA A 191 13.12 35.19 -24.73
N GLY A 192 13.07 34.93 -23.43
CA GLY A 192 14.08 34.09 -22.82
C GLY A 192 14.06 32.66 -23.35
N LEU A 193 12.87 32.08 -23.47
CA LEU A 193 12.76 30.72 -24.00
C LEU A 193 13.11 30.69 -25.48
N THR A 194 12.81 31.75 -26.23
CA THR A 194 13.23 31.82 -27.62
C THR A 194 14.75 31.84 -27.72
N PHE A 195 15.41 32.61 -26.87
CA PHE A 195 16.87 32.62 -26.86
C PHE A 195 17.43 31.24 -26.50
N LEU A 196 16.82 30.58 -25.52
CA LEU A 196 17.29 29.25 -25.14
C LEU A 196 17.14 28.24 -26.28
N VAL A 197 15.99 28.23 -26.94
CA VAL A 197 15.78 27.28 -28.02
C VAL A 197 16.66 27.64 -29.22
N ASP A 198 16.94 28.93 -29.44
CA ASP A 198 17.87 29.31 -30.48
C ASP A 198 19.28 28.79 -30.18
N LEU A 199 19.70 28.91 -28.92
CA LEU A 199 21.00 28.34 -28.53
C LEU A 199 21.04 26.84 -28.75
N ILE A 200 19.94 26.15 -28.43
CA ILE A 200 19.88 24.70 -28.65
C ILE A 200 19.96 24.36 -30.13
N LYS A 201 19.21 25.10 -30.97
CA LYS A 201 19.15 24.78 -32.39
C LYS A 201 20.47 25.10 -33.09
N ASN A 202 21.17 26.15 -32.66
CA ASN A 202 22.42 26.54 -33.29
C ASN A 202 23.60 25.67 -32.86
N LYS A 203 23.34 24.50 -32.27
CA LYS A 203 24.34 23.53 -31.85
C LYS A 203 25.25 24.08 -30.75
N HIS A 204 24.89 25.20 -30.12
CA HIS A 204 25.67 25.72 -29.02
C HIS A 204 25.47 24.91 -27.74
N MET A 205 24.33 24.26 -27.61
CA MET A 205 24.04 23.43 -26.45
C MET A 205 23.17 22.26 -26.88
N ASN A 206 23.28 21.16 -26.13
CA ASN A 206 22.55 19.94 -26.44
C ASN A 206 21.30 19.86 -25.57
N ALA A 207 20.16 19.58 -26.22
CA ALA A 207 18.90 19.50 -25.49
C ALA A 207 18.83 18.32 -24.52
N ASP A 208 19.66 17.30 -24.72
CA ASP A 208 19.69 16.13 -23.85
C ASP A 208 20.68 16.27 -22.71
N THR A 209 21.36 17.40 -22.59
CA THR A 209 22.33 17.60 -21.53
C THR A 209 21.63 17.66 -20.17
N ASP A 210 22.17 16.92 -19.20
CA ASP A 210 21.61 16.92 -17.86
C ASP A 210 22.71 17.21 -16.82
N TYR A 211 22.36 17.07 -15.54
CA TYR A 211 23.28 17.46 -14.47
C TYR A 211 24.56 16.64 -14.52
N SER A 212 24.44 15.32 -14.66
CA SER A 212 25.63 14.46 -14.65
CA SER A 212 25.63 14.46 -14.66
C SER A 212 26.54 14.77 -15.83
N ILE A 213 25.96 14.93 -17.03
CA ILE A 213 26.77 15.21 -18.21
C ILE A 213 27.46 16.56 -18.08
N ALA A 214 26.72 17.57 -17.63
CA ALA A 214 27.32 18.91 -17.49
C ALA A 214 28.44 18.90 -16.45
N GLU A 215 28.21 18.22 -15.32
CA GLU A 215 29.22 18.17 -14.26
C GLU A 215 30.47 17.45 -14.74
N ALA A 216 30.29 16.30 -15.42
CA ALA A 216 31.45 15.57 -15.92
C ALA A 216 32.21 16.38 -16.97
N ALA A 217 31.47 17.05 -17.87
CA ALA A 217 32.12 17.85 -18.90
C ALA A 217 32.91 19.00 -18.30
N PHE A 218 32.36 19.66 -17.27
CA PHE A 218 33.08 20.76 -16.65
C PHE A 218 34.31 20.28 -15.88
N ASN A 219 34.16 19.22 -15.10
CA ASN A 219 35.30 18.73 -14.34
C ASN A 219 36.34 18.00 -15.19
N LYS A 220 36.02 17.67 -16.44
CA LYS A 220 37.00 17.11 -17.35
C LYS A 220 37.68 18.18 -18.21
N GLY A 221 37.37 19.46 -17.99
CA GLY A 221 38.00 20.52 -18.72
C GLY A 221 37.47 20.74 -20.13
N GLU A 222 36.36 20.11 -20.49
CA GLU A 222 35.81 20.22 -21.84
C GLU A 222 34.97 21.47 -22.05
N THR A 223 34.63 22.19 -20.98
CA THR A 223 33.76 23.36 -21.08
C THR A 223 34.43 24.56 -20.44
N ALA A 224 33.96 25.75 -20.83
CA ALA A 224 34.45 26.99 -20.25
C ALA A 224 33.56 27.50 -19.12
N MET A 225 32.25 27.31 -19.23
CA MET A 225 31.31 27.77 -18.23
C MET A 225 30.29 26.70 -17.91
N THR A 226 29.72 26.79 -16.72
CA THR A 226 28.60 25.95 -16.31
C THR A 226 27.82 26.67 -15.24
N ILE A 227 26.58 26.24 -15.03
CA ILE A 227 25.69 26.84 -14.05
C ILE A 227 25.39 25.79 -12.98
N ASN A 228 25.78 26.09 -11.75
CA ASN A 228 25.55 25.17 -10.63
C ASN A 228 25.59 25.97 -9.34
N GLY A 229 25.06 25.35 -8.28
CA GLY A 229 25.01 25.97 -6.98
C GLY A 229 26.26 25.69 -6.16
N PRO A 230 26.23 26.11 -4.89
CA PRO A 230 27.39 25.85 -4.01
C PRO A 230 27.65 24.38 -3.74
N TRP A 231 26.66 23.52 -3.96
CA TRP A 231 26.81 22.11 -3.61
C TRP A 231 27.87 21.38 -4.44
N ALA A 232 28.16 21.86 -5.65
CA ALA A 232 29.15 21.23 -6.51
C ALA A 232 30.56 21.74 -6.26
N TRP A 233 30.71 22.83 -5.49
CA TRP A 233 32.03 23.42 -5.28
C TRP A 233 33.04 22.40 -4.76
N SER A 234 32.59 21.50 -3.89
CA SER A 234 33.46 20.43 -3.43
C SER A 234 33.89 19.52 -4.58
N ASN A 235 32.96 19.23 -5.50
CA ASN A 235 33.30 18.38 -6.63
C ASN A 235 34.34 19.04 -7.54
N ILE A 236 34.16 20.32 -7.85
CA ILE A 236 35.16 20.99 -8.68
C ILE A 236 36.49 21.12 -7.93
N ASP A 237 36.45 21.34 -6.61
CA ASP A 237 37.68 21.42 -5.83
C ASP A 237 38.43 20.09 -5.89
N THR A 238 37.72 18.97 -5.77
CA THR A 238 38.34 17.66 -5.93
C THR A 238 38.89 17.48 -7.34
N SER A 239 38.15 17.95 -8.34
CA SER A 239 38.60 17.86 -9.73
CA SER A 239 38.59 17.87 -9.73
C SER A 239 39.74 18.81 -10.05
N LYS A 240 40.10 19.70 -9.12
CA LYS A 240 41.22 20.65 -9.25
C LYS A 240 41.16 21.45 -10.55
N VAL A 241 39.97 21.90 -10.92
CA VAL A 241 39.80 22.78 -12.07
C VAL A 241 39.91 24.23 -11.58
N ASN A 242 40.73 25.02 -12.28
CA ASN A 242 40.92 26.43 -11.93
C ASN A 242 39.65 27.19 -12.32
N TYR A 243 38.67 27.16 -11.41
CA TYR A 243 37.33 27.66 -11.68
C TYR A 243 37.07 28.95 -10.93
N GLY A 244 36.18 29.77 -11.48
CA GLY A 244 35.75 30.98 -10.83
C GLY A 244 34.23 31.08 -10.85
N VAL A 245 33.71 31.83 -9.89
CA VAL A 245 32.28 32.03 -9.73
C VAL A 245 31.99 33.52 -9.84
N THR A 246 31.07 33.88 -10.73
CA THR A 246 30.71 35.27 -10.97
C THR A 246 29.20 35.37 -11.12
N VAL A 247 28.73 36.61 -11.36
CA VAL A 247 27.31 36.84 -11.55
C VAL A 247 26.86 36.20 -12.86
N LEU A 248 25.61 35.73 -12.89
CA LEU A 248 25.06 35.13 -14.09
C LEU A 248 24.96 36.18 -15.20
N PRO A 249 25.13 35.77 -16.46
CA PRO A 249 25.06 36.74 -17.56
C PRO A 249 23.67 37.35 -17.67
N THR A 250 23.64 38.60 -18.12
CA THR A 250 22.40 39.33 -18.28
C THR A 250 21.79 39.04 -19.66
N PHE A 251 20.48 39.28 -19.75
CA PHE A 251 19.74 39.07 -20.99
C PHE A 251 19.01 40.35 -21.35
N LYS A 252 19.37 40.95 -22.49
CA LYS A 252 18.78 42.21 -22.96
C LYS A 252 18.95 43.32 -21.92
N GLY A 253 20.08 43.29 -21.22
CA GLY A 253 20.39 44.29 -20.22
C GLY A 253 19.79 44.04 -18.85
N GLN A 254 18.98 42.99 -18.70
CA GLN A 254 18.38 42.68 -17.41
C GLN A 254 19.08 41.49 -16.77
N PRO A 255 19.39 41.58 -15.47
CA PRO A 255 20.08 40.48 -14.80
C PRO A 255 19.19 39.25 -14.71
N SER A 256 19.85 38.09 -14.69
CA SER A 256 19.14 36.82 -14.53
C SER A 256 18.49 36.75 -13.16
N LYS A 257 17.43 35.95 -13.06
CA LYS A 257 16.64 35.84 -11.84
C LYS A 257 16.55 34.38 -11.42
N PRO A 258 17.63 33.83 -10.87
CA PRO A 258 17.57 32.44 -10.38
C PRO A 258 16.71 32.34 -9.12
N PHE A 259 16.15 31.16 -8.91
CA PHE A 259 15.36 30.91 -7.71
C PHE A 259 16.25 30.94 -6.48
N VAL A 260 15.74 31.57 -5.42
CA VAL A 260 16.49 31.81 -4.19
C VAL A 260 15.91 30.95 -3.08
N GLY A 261 16.73 30.07 -2.52
CA GLY A 261 16.33 29.26 -1.40
C GLY A 261 16.99 29.71 -0.12
N VAL A 262 16.20 30.00 0.91
CA VAL A 262 16.70 30.56 2.16
C VAL A 262 16.49 29.54 3.26
N LEU A 263 17.58 29.13 3.91
CA LEU A 263 17.48 28.33 5.11
C LEU A 263 17.01 29.20 6.27
N SER A 264 15.96 28.77 6.96
CA SER A 264 15.35 29.60 7.98
C SER A 264 15.01 28.77 9.21
N ALA A 265 14.82 29.47 10.33
CA ALA A 265 14.62 28.86 11.63
C ALA A 265 13.19 29.09 12.09
N GLY A 266 12.38 28.04 12.07
CA GLY A 266 10.99 28.12 12.49
C GLY A 266 10.78 27.65 13.91
N ILE A 267 9.70 28.15 14.52
CA ILE A 267 9.35 27.83 15.91
C ILE A 267 8.04 27.05 15.90
N ASN A 268 8.04 25.90 16.60
CA ASN A 268 6.84 25.08 16.68
C ASN A 268 5.74 25.81 17.43
N ALA A 269 4.51 25.67 16.93
CA ALA A 269 3.37 26.32 17.58
C ALA A 269 3.09 25.70 18.96
N ALA A 270 3.25 24.40 19.09
CA ALA A 270 2.99 23.70 20.34
C ALA A 270 4.19 23.74 21.29
N SER A 271 5.31 24.30 20.88
CA SER A 271 6.48 24.36 21.74
C SER A 271 6.28 25.40 22.84
N PRO A 272 6.39 25.02 24.11
CA PRO A 272 6.22 25.98 25.21
C PRO A 272 7.48 26.74 25.60
N ASN A 273 8.54 26.69 24.79
CA ASN A 273 9.80 27.35 25.10
C ASN A 273 10.10 28.42 24.06
N LYS A 274 9.06 29.13 23.61
CA LYS A 274 9.19 30.09 22.53
C LYS A 274 10.10 31.26 22.93
N GLU A 275 9.97 31.75 24.16
CA GLU A 275 10.77 32.90 24.58
C GLU A 275 12.25 32.58 24.56
N LEU A 276 12.64 31.44 25.16
CA LEU A 276 14.05 31.07 25.17
C LEU A 276 14.54 30.70 23.78
N ALA A 277 13.69 30.09 22.95
CA ALA A 277 14.09 29.80 21.57
C ALA A 277 14.37 31.08 20.81
N LYS A 278 13.50 32.09 20.95
CA LYS A 278 13.72 33.37 20.28
C LYS A 278 14.99 34.04 20.80
N GLU A 279 15.20 34.01 22.12
CA GLU A 279 16.41 34.61 22.68
CA GLU A 279 16.41 34.61 22.68
C GLU A 279 17.66 33.92 22.14
N PHE A 280 17.65 32.58 22.10
CA PHE A 280 18.79 31.84 21.57
C PHE A 280 19.05 32.21 20.11
N LEU A 281 18.00 32.20 19.29
CA LEU A 281 18.18 32.52 17.88
C LEU A 281 18.72 33.93 17.70
N GLU A 282 18.20 34.90 18.45
CA GLU A 282 18.55 36.30 18.22
C GLU A 282 19.93 36.64 18.76
N ASN A 283 20.33 36.07 19.91
CA ASN A 283 21.52 36.54 20.60
C ASN A 283 22.67 35.54 20.62
N TYR A 284 22.45 34.27 20.28
CA TYR A 284 23.51 33.28 20.34
C TYR A 284 23.74 32.56 19.02
N LEU A 285 22.67 32.19 18.30
CA LEU A 285 22.85 31.52 17.02
C LEU A 285 23.12 32.54 15.91
N LEU A 286 22.20 33.47 15.69
CA LEU A 286 22.36 34.48 14.65
C LEU A 286 23.31 35.58 15.11
N THR A 287 24.56 35.18 15.35
CA THR A 287 25.65 36.08 15.67
C THR A 287 26.87 35.68 14.85
N ASP A 288 27.90 36.52 14.90
CA ASP A 288 29.11 36.25 14.14
C ASP A 288 29.76 34.95 14.59
N GLU A 289 29.86 34.75 15.91
CA GLU A 289 30.50 33.55 16.43
C GLU A 289 29.71 32.29 16.08
N GLY A 290 28.38 32.34 16.24
CA GLY A 290 27.57 31.18 15.91
C GLY A 290 27.63 30.85 14.43
N LEU A 291 27.52 31.86 13.57
CA LEU A 291 27.58 31.62 12.13
C LEU A 291 28.95 31.08 11.72
N GLU A 292 30.03 31.62 12.30
CA GLU A 292 31.35 31.13 11.93
C GLU A 292 31.58 29.71 12.43
N ALA A 293 31.04 29.35 13.61
CA ALA A 293 31.15 27.97 14.07
C ALA A 293 30.38 27.02 13.15
N VAL A 294 29.15 27.39 12.78
CA VAL A 294 28.36 26.54 11.91
C VAL A 294 29.01 26.40 10.54
N ASN A 295 29.61 27.49 10.03
CA ASN A 295 30.30 27.42 8.75
C ASN A 295 31.57 26.58 8.85
N LYS A 296 32.29 26.66 9.97
CA LYS A 296 33.46 25.81 10.18
C LYS A 296 33.07 24.34 10.17
N ASP A 297 31.92 24.02 10.78
CA ASP A 297 31.43 22.64 10.73
C ASP A 297 31.06 22.25 9.30
N LYS A 298 30.09 22.95 8.71
CA LYS A 298 29.64 22.72 7.34
C LYS A 298 29.39 24.07 6.69
N PRO A 299 29.97 24.33 5.51
CA PRO A 299 29.79 25.63 4.88
C PRO A 299 28.31 25.92 4.58
N LEU A 300 27.94 27.18 4.73
CA LEU A 300 26.56 27.62 4.49
C LEU A 300 26.43 28.53 3.28
N GLY A 301 27.54 28.96 2.68
CA GLY A 301 27.46 29.92 1.59
C GLY A 301 27.07 31.28 2.09
N ALA A 302 26.16 31.92 1.37
CA ALA A 302 25.67 33.24 1.77
C ALA A 302 24.83 33.13 3.05
N VAL A 303 24.89 34.18 3.87
CA VAL A 303 24.19 34.21 5.14
C VAL A 303 23.31 35.45 5.19
N ALA A 304 22.25 35.38 6.01
CA ALA A 304 21.32 36.50 6.12
C ALA A 304 21.95 37.67 6.86
N LEU A 305 22.79 37.40 7.87
CA LEU A 305 23.41 38.46 8.64
C LEU A 305 24.44 39.20 7.82
N LYS A 306 24.39 40.53 7.84
CA LYS A 306 25.41 41.31 7.16
C LYS A 306 26.75 41.27 7.91
N SER A 307 26.70 41.27 9.25
CA SER A 307 27.93 41.27 10.04
C SER A 307 28.83 40.11 9.67
N TYR A 308 28.25 38.99 9.24
CA TYR A 308 29.02 37.88 8.70
C TYR A 308 29.01 37.84 7.18
N GLU A 309 28.09 38.55 6.52
CA GLU A 309 28.03 38.51 5.06
C GLU A 309 29.19 39.28 4.45
N GLU A 310 29.47 40.49 4.95
CA GLU A 310 30.67 41.18 4.49
C GLU A 310 31.95 40.47 4.95
N GLU A 311 31.88 39.68 6.01
CA GLU A 311 33.04 38.87 6.38
C GLU A 311 33.29 37.76 5.36
N LEU A 312 32.23 37.07 4.95
CA LEU A 312 32.34 36.02 3.94
C LEU A 312 32.53 36.58 2.54
N ALA A 313 32.31 37.88 2.34
CA ALA A 313 32.42 38.50 1.03
C ALA A 313 33.84 38.48 0.48
N LYS A 314 34.84 38.20 1.32
CA LYS A 314 36.20 38.07 0.82
C LYS A 314 36.35 36.92 -0.16
N ASP A 315 35.46 35.92 -0.09
CA ASP A 315 35.46 34.85 -1.06
C ASP A 315 34.69 35.29 -2.31
N PRO A 316 35.31 35.29 -3.49
CA PRO A 316 34.58 35.68 -4.70
C PRO A 316 33.38 34.79 -4.98
N ARG A 317 33.47 33.50 -4.68
CA ARG A 317 32.34 32.61 -4.89
C ARG A 317 31.16 32.99 -4.00
N ILE A 318 31.43 33.28 -2.73
CA ILE A 318 30.38 33.68 -1.81
C ILE A 318 29.78 35.02 -2.23
N ALA A 319 30.62 35.96 -2.66
CA ALA A 319 30.11 37.25 -3.10
C ALA A 319 29.23 37.10 -4.34
N ALA A 320 29.64 36.26 -5.29
CA ALA A 320 28.85 36.03 -6.49
C ALA A 320 27.53 35.36 -6.14
N THR A 321 27.55 34.38 -5.24
CA THR A 321 26.31 33.73 -4.82
C THR A 321 25.37 34.72 -4.16
N MET A 322 25.91 35.58 -3.30
CA MET A 322 25.07 36.58 -2.62
C MET A 322 24.46 37.56 -3.60
N GLU A 323 25.26 38.06 -4.56
CA GLU A 323 24.71 39.02 -5.51
C GLU A 323 23.70 38.36 -6.45
N ASN A 324 23.94 37.10 -6.82
CA ASN A 324 22.97 36.37 -7.65
C ASN A 324 21.66 36.17 -6.88
N ALA A 325 21.75 35.84 -5.59
CA ALA A 325 20.54 35.69 -4.79
C ALA A 325 19.81 37.01 -4.66
N GLN A 326 20.55 38.11 -4.48
CA GLN A 326 19.91 39.42 -4.36
C GLN A 326 19.20 39.81 -5.65
N LYS A 327 19.82 39.54 -6.80
CA LYS A 327 19.24 39.90 -8.09
C LYS A 327 18.21 38.89 -8.59
N GLY A 328 18.13 37.71 -7.99
CA GLY A 328 17.26 36.66 -8.47
C GLY A 328 15.85 36.74 -7.92
N GLU A 329 15.07 35.71 -8.21
CA GLU A 329 13.68 35.64 -7.78
C GLU A 329 13.58 34.78 -6.53
N ILE A 330 13.01 35.36 -5.47
CA ILE A 330 12.84 34.64 -4.22
C ILE A 330 11.81 33.54 -4.41
N MET A 331 12.12 32.35 -3.93
CA MET A 331 11.22 31.20 -4.08
CA MET A 331 11.22 31.20 -4.08
C MET A 331 10.02 31.34 -3.17
N PRO A 332 8.79 31.33 -3.69
CA PRO A 332 7.61 31.39 -2.83
C PRO A 332 7.37 30.07 -2.11
N ASN A 333 6.37 30.10 -1.22
CA ASN A 333 6.14 28.99 -0.31
C ASN A 333 4.70 28.48 -0.34
N ILE A 334 4.15 28.21 -1.52
CA ILE A 334 2.77 27.74 -1.63
C ILE A 334 2.72 26.43 -2.42
N PRO A 335 1.76 25.55 -2.13
CA PRO A 335 1.83 24.17 -2.67
C PRO A 335 1.68 24.06 -4.18
N GLN A 336 1.10 25.05 -4.86
CA GLN A 336 0.80 24.91 -6.29
C GLN A 336 2.05 24.93 -7.16
N MET A 337 3.23 25.14 -6.60
CA MET A 337 4.41 25.04 -7.45
C MET A 337 4.80 23.63 -7.80
N SER A 338 4.16 22.61 -7.21
CA SER A 338 4.22 21.30 -7.84
C SER A 338 3.69 21.38 -9.26
N ALA A 339 2.51 21.97 -9.43
CA ALA A 339 1.94 22.18 -10.76
C ALA A 339 2.81 23.14 -11.57
N PHE A 340 3.36 24.16 -10.92
CA PHE A 340 4.22 25.10 -11.65
C PHE A 340 5.45 24.41 -12.22
N TRP A 341 6.12 23.58 -11.41
CA TRP A 341 7.27 22.84 -11.88
C TRP A 341 6.89 21.89 -13.00
N TYR A 342 5.75 21.19 -12.85
CA TYR A 342 5.31 20.27 -13.90
C TYR A 342 5.08 21.01 -15.21
N ALA A 343 4.36 22.14 -15.15
CA ALA A 343 4.04 22.88 -16.37
C ALA A 343 5.28 23.46 -17.03
N VAL A 344 6.19 24.05 -16.23
CA VAL A 344 7.38 24.64 -16.81
C VAL A 344 8.29 23.57 -17.38
N ARG A 345 8.40 22.41 -16.71
CA ARG A 345 9.19 21.32 -17.23
C ARG A 345 8.63 20.82 -18.55
N THR A 346 7.30 20.65 -18.63
CA THR A 346 6.69 20.19 -19.88
C THR A 346 6.93 21.21 -20.99
N ALA A 347 6.77 22.50 -20.69
CA ALA A 347 6.99 23.53 -21.70
C ALA A 347 8.43 23.53 -22.19
N VAL A 348 9.39 23.40 -21.27
CA VAL A 348 10.80 23.41 -21.66
C VAL A 348 11.13 22.19 -22.51
N ILE A 349 10.65 21.01 -22.11
CA ILE A 349 10.92 19.81 -22.90
C ILE A 349 10.28 19.92 -24.29
N ASN A 350 9.05 20.42 -24.36
CA ASN A 350 8.39 20.56 -25.66
C ASN A 350 9.12 21.55 -26.55
N ALA A 351 9.58 22.66 -25.98
CA ALA A 351 10.29 23.66 -26.78
C ALA A 351 11.64 23.14 -27.26
N ALA A 352 12.38 22.46 -26.37
CA ALA A 352 13.71 21.97 -26.75
C ALA A 352 13.62 20.82 -27.75
N SER A 353 12.64 19.93 -27.58
CA SER A 353 12.50 18.76 -28.43
C SER A 353 11.90 19.08 -29.80
N GLY A 354 11.33 20.26 -29.97
CA GLY A 354 10.76 20.66 -31.25
C GLY A 354 9.35 20.18 -31.51
N ARG A 355 8.73 19.47 -30.56
CA ARG A 355 7.36 19.04 -30.76
C ARG A 355 6.38 20.22 -30.79
N GLN A 356 6.65 21.25 -30.00
CA GLN A 356 5.81 22.43 -29.95
C GLN A 356 6.68 23.69 -30.01
N THR A 357 6.08 24.77 -30.52
CA THR A 357 6.78 26.04 -30.58
C THR A 357 6.83 26.67 -29.18
N VAL A 358 7.63 27.74 -29.07
CA VAL A 358 7.81 28.40 -27.78
C VAL A 358 6.49 28.99 -27.29
N ASP A 359 5.74 29.65 -28.17
CA ASP A 359 4.48 30.27 -27.78
C ASP A 359 3.46 29.23 -27.34
N GLU A 360 3.34 28.14 -28.12
CA GLU A 360 2.39 27.08 -27.76
C GLU A 360 2.79 26.41 -26.45
N ALA A 361 4.08 26.15 -26.25
CA ALA A 361 4.53 25.52 -25.01
C ALA A 361 4.26 26.41 -23.81
N LEU A 362 4.54 27.70 -23.93
CA LEU A 362 4.31 28.61 -22.81
C LEU A 362 2.81 28.78 -22.54
N LYS A 363 1.99 28.80 -23.59
CA LYS A 363 0.55 28.86 -23.39
C LYS A 363 0.04 27.61 -22.69
N ASP A 364 0.53 26.44 -23.07
CA ASP A 364 0.13 25.20 -22.41
C ASP A 364 0.57 25.20 -20.95
N ALA A 365 1.78 25.69 -20.67
CA ALA A 365 2.24 25.78 -19.29
C ALA A 365 1.38 26.74 -18.48
N GLN A 366 0.99 27.87 -19.08
CA GLN A 366 0.14 28.83 -18.39
C GLN A 366 -1.23 28.24 -18.09
N THR A 367 -1.82 27.54 -19.05
CA THR A 367 -3.14 26.96 -18.87
C THR A 367 -3.09 25.72 -17.99
N SER B 1 1.32 12.78 5.56
CA SER B 1 2.09 12.35 4.40
C SER B 1 1.21 11.64 3.38
N GLN B 2 0.92 12.33 2.28
CA GLN B 2 0.08 11.78 1.22
C GLN B 2 0.84 10.84 0.28
N VAL B 3 2.16 10.86 0.32
CA VAL B 3 2.99 10.01 -0.54
C VAL B 3 3.71 9.00 0.35
N GLN B 4 3.51 7.71 0.05
CA GLN B 4 4.11 6.63 0.82
C GLN B 4 4.82 5.66 -0.12
N LEU B 5 5.98 5.19 0.31
CA LEU B 5 6.78 4.24 -0.45
C LEU B 5 6.98 2.98 0.38
N VAL B 6 6.67 1.83 -0.22
CA VAL B 6 6.80 0.53 0.44
C VAL B 6 7.70 -0.35 -0.41
N GLU B 7 8.72 -0.91 0.21
CA GLU B 7 9.70 -1.76 -0.48
C GLU B 7 9.52 -3.22 -0.07
N ASN B 8 9.82 -4.11 -1.01
CA ASN B 8 9.76 -5.55 -0.79
C ASN B 8 10.62 -6.24 -1.84
N GLY B 9 10.64 -7.57 -1.79
CA GLY B 9 11.40 -8.35 -2.76
C GLY B 9 12.84 -8.61 -2.40
N GLY B 10 13.29 -8.20 -1.21
CA GLY B 10 14.63 -8.47 -0.76
C GLY B 10 14.74 -9.90 -0.25
N GLY B 11 15.83 -10.56 -0.60
CA GLY B 11 15.99 -11.96 -0.26
C GLY B 11 17.43 -12.35 -0.06
N CYS B 12 17.61 -13.59 0.38
CA CYS B 12 18.94 -14.13 0.64
C CYS B 12 19.45 -14.83 -0.62
N VAL B 13 20.43 -14.22 -1.27
CA VAL B 13 20.88 -14.66 -2.60
C VAL B 13 22.38 -14.91 -2.58
N LYS B 14 22.78 -16.01 -3.20
CA LYS B 14 24.20 -16.35 -3.32
C LYS B 14 24.90 -15.41 -4.30
N ALA B 15 26.23 -15.49 -4.30
CA ALA B 15 27.01 -14.67 -5.21
C ALA B 15 26.71 -15.04 -6.66
N GLY B 16 26.56 -14.03 -7.50
CA GLY B 16 26.23 -14.24 -8.90
C GLY B 16 24.76 -14.43 -9.19
N GLY B 17 23.90 -14.42 -8.17
CA GLY B 17 22.48 -14.62 -8.39
C GLY B 17 21.79 -13.35 -8.85
N SER B 18 20.49 -13.49 -9.13
CA SER B 18 19.67 -12.39 -9.60
C SER B 18 18.51 -12.17 -8.64
N LEU B 19 18.21 -10.91 -8.36
CA LEU B 19 17.10 -10.53 -7.49
C LEU B 19 16.44 -9.28 -8.05
N ARG B 20 15.16 -9.09 -7.69
CA ARG B 20 14.39 -7.94 -8.12
C ARG B 20 13.70 -7.32 -6.91
N LEU B 21 13.57 -5.99 -6.95
CA LEU B 21 12.95 -5.22 -5.88
C LEU B 21 11.81 -4.40 -6.44
N SER B 22 10.82 -4.12 -5.59
CA SER B 22 9.65 -3.35 -5.97
C SER B 22 9.40 -2.25 -4.96
N CYS B 23 8.91 -1.11 -5.45
CA CYS B 23 8.58 0.04 -4.60
C CYS B 23 7.28 0.64 -5.12
N VAL B 24 6.23 0.58 -4.31
CA VAL B 24 4.90 1.04 -4.68
C VAL B 24 4.66 2.41 -4.10
N ALA B 25 4.27 3.36 -4.95
CA ALA B 25 3.96 4.72 -4.54
C ALA B 25 2.44 4.90 -4.56
N SER B 26 1.89 5.43 -3.47
CA SER B 26 0.46 5.62 -3.32
C SER B 26 0.17 7.05 -2.92
N GLY B 27 -1.02 7.52 -3.29
CA GLY B 27 -1.45 8.87 -2.98
C GLY B 27 -1.30 9.82 -4.15
N ASP B 28 -1.17 11.09 -3.81
CA ASP B 28 -1.02 12.16 -4.81
C ASP B 28 0.42 12.14 -5.31
N ILE B 29 0.69 11.29 -6.28
CA ILE B 29 2.03 11.13 -6.84
C ILE B 29 2.09 11.61 -8.29
N LYS B 30 1.14 12.46 -8.70
CA LYS B 30 1.12 12.95 -10.08
C LYS B 30 2.24 13.92 -10.37
N TYR B 31 2.80 14.57 -9.34
CA TYR B 31 3.82 15.59 -9.53
C TYR B 31 5.24 15.05 -9.34
N ILE B 32 5.40 13.77 -9.05
CA ILE B 32 6.72 13.18 -8.84
C ILE B 32 7.34 12.87 -10.20
N SER B 33 8.55 13.39 -10.41
CA SER B 33 9.26 13.21 -11.68
C SER B 33 10.56 12.44 -11.56
N TYR B 34 11.09 12.23 -10.35
CA TYR B 34 12.32 11.51 -10.14
C TYR B 34 12.08 10.32 -9.22
N LEU B 35 12.49 9.13 -9.68
CA LEU B 35 12.45 7.92 -8.87
C LEU B 35 13.88 7.41 -8.70
N GLY B 36 14.30 7.23 -7.46
CA GLY B 36 15.66 6.82 -7.18
C GLY B 36 15.71 5.70 -6.17
N TRP B 37 16.80 4.94 -6.22
CA TRP B 37 17.05 3.83 -5.31
C TRP B 37 18.35 4.08 -4.57
N PHE B 38 18.34 3.81 -3.26
CA PHE B 38 19.52 4.02 -2.41
C PHE B 38 19.75 2.79 -1.55
N ARG B 39 21.01 2.48 -1.30
CA ARG B 39 21.39 1.39 -0.43
C ARG B 39 22.28 1.92 0.70
N GLN B 40 22.10 1.37 1.90
CA GLN B 40 22.81 1.85 3.08
C GLN B 40 23.26 0.65 3.90
N ALA B 41 24.56 0.39 3.91
CA ALA B 41 25.10 -0.64 4.77
C ALA B 41 25.03 -0.20 6.23
N PRO B 42 24.93 -1.14 7.18
CA PRO B 42 24.89 -0.75 8.59
C PRO B 42 26.13 0.02 9.00
N GLY B 43 25.90 1.21 9.57
CA GLY B 43 27.01 2.06 9.96
C GLY B 43 27.73 2.71 8.80
N LYS B 44 27.08 2.85 7.65
CA LYS B 44 27.69 3.42 6.47
C LYS B 44 26.78 4.48 5.86
N GLU B 45 27.39 5.43 5.16
CA GLU B 45 26.63 6.50 4.53
C GLU B 45 25.73 5.93 3.42
N ARG B 46 24.52 6.48 3.32
CA ARG B 46 23.59 6.07 2.29
C ARG B 46 24.10 6.50 0.92
N GLU B 47 24.28 5.55 0.01
CA GLU B 47 24.83 5.81 -1.30
C GLU B 47 23.77 5.59 -2.37
N GLY B 48 23.80 6.43 -3.40
CA GLY B 48 22.87 6.28 -4.51
C GLY B 48 23.30 5.16 -5.43
N VAL B 49 22.36 4.30 -5.79
CA VAL B 49 22.64 3.17 -6.65
C VAL B 49 21.98 3.30 -8.02
N ALA B 50 20.79 3.91 -8.11
CA ALA B 50 20.13 4.10 -9.40
C ALA B 50 19.16 5.26 -9.27
N ALA B 51 18.80 5.82 -10.43
CA ALA B 51 17.86 6.92 -10.49
C ALA B 51 17.15 6.89 -11.84
N LEU B 52 15.88 7.31 -11.83
CA LEU B 52 15.05 7.30 -13.03
C LEU B 52 14.37 8.66 -13.19
N TYR B 53 14.32 9.14 -14.42
CA TYR B 53 13.63 10.38 -14.76
C TYR B 53 12.32 10.02 -15.45
N THR B 54 11.20 10.27 -14.76
CA THR B 54 9.91 9.84 -15.26
C THR B 54 9.52 10.54 -16.55
N SER B 55 9.85 11.83 -16.67
CA SER B 55 9.37 12.62 -17.81
C SER B 55 9.89 12.09 -19.13
N THR B 56 11.17 11.72 -19.20
CA THR B 56 11.78 11.29 -20.44
C THR B 56 12.30 9.86 -20.41
N GLY B 57 12.20 9.17 -19.28
CA GLY B 57 12.70 7.81 -19.18
C GLY B 57 14.19 7.68 -18.98
N ARG B 58 14.90 8.80 -18.77
CA ARG B 58 16.34 8.74 -18.58
C ARG B 58 16.68 8.04 -17.26
N THR B 59 17.72 7.20 -17.30
CA THR B 59 18.13 6.43 -16.15
C THR B 59 19.56 6.81 -15.75
N TYR B 60 19.84 6.69 -14.46
CA TYR B 60 21.16 6.98 -13.90
C TYR B 60 21.63 5.80 -13.09
N TYR B 61 22.91 5.45 -13.24
CA TYR B 61 23.50 4.34 -12.51
C TYR B 61 24.86 4.77 -11.96
N ALA B 62 25.21 4.22 -10.80
CA ALA B 62 26.52 4.48 -10.22
C ALA B 62 27.59 3.68 -10.97
N ASP B 63 28.85 4.07 -10.74
CA ASP B 63 29.96 3.40 -11.41
C ASP B 63 30.06 1.93 -11.01
N SER B 64 29.86 1.63 -9.72
CA SER B 64 30.01 0.27 -9.23
C SER B 64 28.91 -0.66 -9.74
N VAL B 65 27.77 -0.12 -10.16
CA VAL B 65 26.64 -0.94 -10.58
C VAL B 65 26.24 -0.66 -12.02
N LYS B 66 27.03 0.12 -12.75
CA LYS B 66 26.72 0.40 -14.15
C LYS B 66 26.85 -0.87 -14.98
N GLY B 67 25.85 -1.13 -15.82
CA GLY B 67 25.83 -2.34 -16.62
C GLY B 67 25.36 -3.58 -15.89
N ARG B 68 25.00 -3.48 -14.62
CA ARG B 68 24.54 -4.61 -13.83
C ARG B 68 23.14 -4.44 -13.26
N PHE B 69 22.70 -3.21 -13.01
CA PHE B 69 21.40 -2.93 -12.45
C PHE B 69 20.52 -2.26 -13.49
N THR B 70 19.24 -2.63 -13.50
CA THR B 70 18.26 -2.05 -14.42
C THR B 70 17.06 -1.58 -13.61
N VAL B 71 16.73 -0.30 -13.73
CA VAL B 71 15.62 0.30 -13.00
C VAL B 71 14.56 0.73 -14.02
N SER B 72 13.30 0.43 -13.72
CA SER B 72 12.20 0.78 -14.60
C SER B 72 10.96 1.06 -13.76
N LEU B 73 10.06 1.87 -14.32
CA LEU B 73 8.83 2.27 -13.65
C LEU B 73 7.63 1.83 -14.48
N ASP B 74 6.63 1.27 -13.81
CA ASP B 74 5.40 0.84 -14.45
C ASP B 74 4.32 1.87 -14.15
N ASN B 75 3.93 2.63 -15.19
CA ASN B 75 2.90 3.66 -15.00
C ASN B 75 1.55 3.05 -14.70
N ALA B 76 1.23 1.90 -15.32
CA ALA B 76 -0.06 1.27 -15.11
C ALA B 76 -0.20 0.67 -13.72
N LYS B 77 0.90 0.50 -12.99
CA LYS B 77 0.86 -0.06 -11.65
C LYS B 77 1.42 0.87 -10.59
N ASN B 78 1.96 2.03 -10.98
CA ASN B 78 2.53 3.00 -10.05
C ASN B 78 3.61 2.37 -9.17
N THR B 79 4.41 1.49 -9.76
CA THR B 79 5.46 0.78 -9.05
C THR B 79 6.75 0.85 -9.85
N VAL B 80 7.86 1.11 -9.15
CA VAL B 80 9.18 1.17 -9.76
C VAL B 80 9.96 -0.07 -9.34
N TYR B 81 10.64 -0.69 -10.28
CA TYR B 81 11.39 -1.92 -10.05
C TYR B 81 12.86 -1.70 -10.34
N LEU B 82 13.70 -2.52 -9.71
CA LEU B 82 15.14 -2.51 -9.98
C LEU B 82 15.61 -3.95 -10.08
N GLN B 83 16.26 -4.28 -11.19
CA GLN B 83 16.78 -5.62 -11.43
C GLN B 83 18.21 -5.71 -10.92
N MET B 84 18.45 -6.60 -9.96
CA MET B 84 19.74 -6.76 -9.32
C MET B 84 20.39 -8.01 -9.90
N ASN B 85 21.15 -7.85 -10.98
CA ASN B 85 21.78 -8.95 -11.69
C ASN B 85 23.28 -8.96 -11.42
N SER B 86 23.86 -10.16 -11.52
CA SER B 86 25.29 -10.38 -11.30
C SER B 86 25.72 -9.85 -9.93
N LEU B 87 25.10 -10.44 -8.89
CA LEU B 87 25.33 -9.99 -7.53
C LEU B 87 26.72 -10.36 -7.04
N LYS B 88 27.24 -9.55 -6.13
CA LYS B 88 28.52 -9.74 -5.48
C LYS B 88 28.34 -9.54 -3.99
N PRO B 89 29.23 -10.11 -3.16
CA PRO B 89 29.08 -9.95 -1.71
C PRO B 89 29.11 -8.50 -1.25
N GLU B 90 29.75 -7.61 -2.00
CA GLU B 90 29.80 -6.20 -1.63
C GLU B 90 28.45 -5.50 -1.80
N ASP B 91 27.48 -6.14 -2.45
CA ASP B 91 26.20 -5.51 -2.73
C ASP B 91 25.22 -5.58 -1.57
N THR B 92 25.56 -6.25 -0.47
CA THR B 92 24.64 -6.36 0.65
C THR B 92 24.53 -5.02 1.39
N ALA B 93 23.28 -4.59 1.61
CA ALA B 93 22.97 -3.33 2.27
C ALA B 93 21.45 -3.25 2.41
N LEU B 94 21.00 -2.20 3.09
CA LEU B 94 19.57 -1.92 3.23
C LEU B 94 19.16 -1.00 2.09
N TYR B 95 18.34 -1.51 1.18
CA TYR B 95 17.98 -0.78 -0.02
C TYR B 95 16.73 0.06 0.22
N TYR B 96 16.81 1.35 -0.10
CA TYR B 96 15.74 2.30 0.12
C TYR B 96 15.17 2.75 -1.23
N CYS B 97 13.92 3.23 -1.18
CA CYS B 97 13.24 3.81 -2.32
C CYS B 97 12.99 5.29 -2.06
N ALA B 98 13.30 6.13 -3.05
CA ALA B 98 13.17 7.56 -2.90
C ALA B 98 12.46 8.15 -4.11
N ALA B 99 11.73 9.23 -3.88
CA ALA B 99 11.01 9.93 -4.94
C ALA B 99 10.99 11.42 -4.62
N ALA B 100 10.99 12.24 -5.66
CA ALA B 100 11.00 13.68 -5.50
C ALA B 100 10.35 14.34 -6.72
N GLU B 101 9.61 15.42 -6.46
CA GLU B 101 9.02 16.18 -7.56
C GLU B 101 10.09 16.87 -8.40
N TRP B 102 11.10 17.42 -7.75
CA TRP B 102 12.17 18.13 -8.45
C TRP B 102 13.38 18.19 -7.54
N GLY B 103 14.48 18.71 -8.07
CA GLY B 103 15.69 18.86 -7.30
C GLY B 103 16.68 19.76 -8.02
N SER B 104 17.61 20.30 -7.24
CA SER B 104 18.63 21.22 -7.75
C SER B 104 20.00 20.59 -7.86
N GLN B 105 20.16 19.32 -7.45
CA GLN B 105 21.47 18.67 -7.49
C GLN B 105 21.40 17.35 -8.25
N SER B 106 22.46 16.56 -8.16
CA SER B 106 22.50 15.29 -8.88
C SER B 106 21.42 14.36 -8.34
N PRO B 107 20.77 13.58 -9.22
CA PRO B 107 19.71 12.68 -8.76
C PRO B 107 20.20 11.46 -8.00
N LEU B 108 21.51 11.34 -7.76
CA LEU B 108 22.07 10.24 -7.00
C LEU B 108 22.40 10.62 -5.57
N THR B 109 21.93 11.77 -5.10
CA THR B 109 22.19 12.24 -3.75
C THR B 109 20.98 11.99 -2.87
N GLN B 110 21.23 11.60 -1.61
CA GLN B 110 20.13 11.34 -0.69
C GLN B 110 19.33 12.60 -0.40
N TRP B 111 20.00 13.75 -0.31
CA TRP B 111 19.31 15.00 -0.06
C TRP B 111 18.52 15.49 -1.26
N PHE B 112 18.71 14.89 -2.43
CA PHE B 112 17.95 15.28 -3.61
C PHE B 112 16.46 14.98 -3.44
N TYR B 113 16.14 13.86 -2.82
CA TYR B 113 14.76 13.39 -2.73
C TYR B 113 14.11 13.80 -1.41
N ARG B 114 12.81 14.03 -1.48
CA ARG B 114 11.99 14.40 -0.32
C ARG B 114 11.27 13.22 0.30
N TYR B 115 10.68 12.35 -0.51
CA TYR B 115 9.94 11.19 -0.02
C TYR B 115 10.87 10.00 0.12
N TRP B 116 10.75 9.30 1.24
CA TRP B 116 11.59 8.14 1.54
C TRP B 116 10.72 6.99 2.00
N GLY B 117 11.15 5.77 1.70
CA GLY B 117 10.45 4.57 2.09
C GLY B 117 11.07 3.91 3.32
N GLN B 118 10.43 2.82 3.75
CA GLN B 118 10.91 2.09 4.91
C GLN B 118 12.19 1.32 4.61
N GLY B 119 12.35 0.82 3.40
CA GLY B 119 13.58 0.14 3.01
C GLY B 119 13.46 -1.37 3.11
N THR B 120 14.22 -2.05 2.25
CA THR B 120 14.29 -3.50 2.23
C THR B 120 15.75 -3.93 2.29
N GLN B 121 15.96 -5.12 2.86
CA GLN B 121 17.31 -5.63 3.10
C GLN B 121 17.61 -6.74 2.10
N VAL B 122 18.77 -6.64 1.45
CA VAL B 122 19.26 -7.65 0.51
C VAL B 122 20.63 -8.11 0.98
N MET B 123 20.79 -9.42 1.15
CA MET B 123 22.04 -10.01 1.59
C MET B 123 22.60 -10.88 0.49
N VAL B 124 23.89 -10.71 0.20
CA VAL B 124 24.59 -11.53 -0.79
C VAL B 124 25.79 -12.17 -0.11
N SER B 125 25.92 -13.48 -0.25
CA SER B 125 27.02 -14.22 0.35
C SER B 125 28.02 -14.68 -0.70
N LYS C 2 -10.67 -12.49 -26.94
CA LYS C 2 -9.53 -12.82 -26.09
C LYS C 2 -9.52 -14.30 -25.75
N ILE C 3 -10.70 -14.87 -25.51
CA ILE C 3 -10.82 -16.28 -25.20
C ILE C 3 -10.81 -17.06 -26.51
N GLU C 4 -9.92 -18.04 -26.60
CA GLU C 4 -9.78 -18.82 -27.83
C GLU C 4 -11.00 -19.69 -28.05
N GLU C 5 -11.55 -19.64 -29.27
CA GLU C 5 -12.70 -20.46 -29.62
C GLU C 5 -12.26 -21.87 -29.98
N GLY C 6 -13.25 -22.78 -30.02
CA GLY C 6 -13.00 -24.16 -30.34
C GLY C 6 -12.55 -25.02 -29.19
N LYS C 7 -12.46 -24.47 -27.98
CA LYS C 7 -12.06 -25.22 -26.80
C LYS C 7 -12.70 -24.60 -25.57
N LEU C 8 -12.76 -25.40 -24.51
CA LEU C 8 -13.41 -25.00 -23.26
C LEU C 8 -12.36 -24.86 -22.16
N VAL C 9 -12.42 -23.74 -21.44
CA VAL C 9 -11.55 -23.49 -20.30
C VAL C 9 -12.42 -23.37 -19.06
N ILE C 10 -12.14 -24.22 -18.06
CA ILE C 10 -12.91 -24.26 -16.82
C ILE C 10 -11.96 -24.04 -15.65
N TRP C 11 -12.31 -23.11 -14.78
CA TRP C 11 -11.54 -22.82 -13.58
C TRP C 11 -12.30 -23.32 -12.36
N ILE C 12 -11.62 -24.11 -11.54
CA ILE C 12 -12.21 -24.72 -10.35
C ILE C 12 -11.28 -24.51 -9.17
N ASN C 13 -11.85 -24.54 -7.97
CA ASN C 13 -11.06 -24.38 -6.77
C ASN C 13 -10.18 -25.62 -6.52
N GLY C 14 -9.11 -25.41 -5.76
CA GLY C 14 -8.16 -26.48 -5.49
C GLY C 14 -8.63 -27.55 -4.54
N ASP C 15 -9.71 -27.32 -3.81
CA ASP C 15 -10.27 -28.29 -2.88
C ASP C 15 -11.37 -29.15 -3.49
N LYS C 16 -11.66 -28.97 -4.77
CA LYS C 16 -12.69 -29.73 -5.45
C LYS C 16 -12.07 -30.81 -6.33
N GLY C 17 -12.92 -31.51 -7.07
CA GLY C 17 -12.47 -32.61 -7.91
C GLY C 17 -11.99 -32.17 -9.28
N TYR C 18 -10.81 -31.53 -9.32
CA TYR C 18 -10.26 -31.09 -10.61
C TYR C 18 -9.88 -32.27 -11.49
N ASN C 19 -9.39 -33.36 -10.89
CA ASN C 19 -9.07 -34.55 -11.70
C ASN C 19 -10.35 -35.17 -12.28
N GLY C 20 -11.42 -35.22 -11.50
CA GLY C 20 -12.69 -35.69 -12.04
C GLY C 20 -13.21 -34.79 -13.14
N LEU C 21 -13.06 -33.47 -12.98
CA LEU C 21 -13.43 -32.55 -14.04
C LEU C 21 -12.60 -32.79 -15.29
N ALA C 22 -11.31 -33.10 -15.11
CA ALA C 22 -10.46 -33.43 -16.24
C ALA C 22 -10.94 -34.70 -16.94
N GLU C 23 -11.35 -35.71 -16.17
CA GLU C 23 -11.89 -36.93 -16.78
CA GLU C 23 -11.88 -36.93 -16.77
C GLU C 23 -13.16 -36.64 -17.56
N VAL C 24 -14.04 -35.80 -17.01
CA VAL C 24 -15.26 -35.45 -17.73
C VAL C 24 -14.92 -34.68 -19.01
N GLY C 25 -13.91 -33.81 -18.95
CA GLY C 25 -13.48 -33.13 -20.16
C GLY C 25 -12.89 -34.07 -21.19
N LYS C 26 -12.18 -35.10 -20.73
CA LYS C 26 -11.67 -36.12 -21.65
C LYS C 26 -12.81 -36.88 -22.32
N LYS C 27 -13.85 -37.20 -21.55
CA LYS C 27 -15.04 -37.81 -22.14
C LYS C 27 -15.68 -36.89 -23.17
N PHE C 28 -15.76 -35.59 -22.86
CA PHE C 28 -16.34 -34.63 -23.79
C PHE C 28 -15.53 -34.54 -25.07
N GLU C 29 -14.19 -34.51 -24.98
CA GLU C 29 -13.38 -34.42 -26.18
C GLU C 29 -13.43 -35.73 -26.97
N LYS C 30 -13.53 -36.87 -26.30
CA LYS C 30 -13.73 -38.13 -27.02
C LYS C 30 -15.05 -38.11 -27.78
N ASP C 31 -16.10 -37.56 -27.17
CA ASP C 31 -17.42 -37.58 -27.79
C ASP C 31 -17.53 -36.57 -28.94
N THR C 32 -16.97 -35.38 -28.79
CA THR C 32 -17.24 -34.29 -29.72
C THR C 32 -16.04 -33.80 -30.52
N GLY C 33 -14.82 -34.00 -30.04
CA GLY C 33 -13.65 -33.46 -30.71
C GLY C 33 -13.19 -32.11 -30.21
N ILE C 34 -13.75 -31.62 -29.11
CA ILE C 34 -13.39 -30.32 -28.55
C ILE C 34 -12.63 -30.55 -27.25
N LYS C 35 -11.39 -30.10 -27.20
CA LYS C 35 -10.56 -30.29 -26.02
C LYS C 35 -11.04 -29.40 -24.88
N VAL C 36 -10.88 -29.91 -23.65
CA VAL C 36 -11.27 -29.21 -22.44
C VAL C 36 -10.06 -29.11 -21.53
N THR C 37 -9.80 -27.90 -21.03
CA THR C 37 -8.70 -27.65 -20.12
C THR C 37 -9.24 -27.39 -18.72
N VAL C 38 -8.70 -28.11 -17.73
CA VAL C 38 -9.14 -27.99 -16.34
C VAL C 38 -7.96 -27.49 -15.52
N GLU C 39 -8.16 -26.39 -14.80
CA GLU C 39 -7.13 -25.77 -13.99
C GLU C 39 -7.68 -25.48 -12.60
N HIS C 40 -6.76 -25.32 -11.66
CA HIS C 40 -7.09 -24.97 -10.27
C HIS C 40 -6.25 -23.76 -9.86
N PRO C 41 -6.57 -22.58 -10.38
CA PRO C 41 -5.76 -21.40 -10.09
C PRO C 41 -5.82 -21.00 -8.62
N ASP C 42 -4.70 -20.47 -8.14
CA ASP C 42 -4.64 -19.94 -6.79
C ASP C 42 -5.25 -18.54 -6.75
N LYS C 43 -5.94 -18.24 -5.64
CA LYS C 43 -6.69 -16.99 -5.50
C LYS C 43 -7.72 -16.84 -6.62
N LEU C 44 -8.47 -17.92 -6.86
CA LEU C 44 -9.45 -17.92 -7.95
C LEU C 44 -10.55 -16.91 -7.70
N GLU C 45 -11.08 -16.84 -6.48
CA GLU C 45 -12.19 -15.95 -6.18
C GLU C 45 -11.83 -14.49 -6.38
N GLU C 46 -10.54 -14.15 -6.38
CA GLU C 46 -10.09 -12.79 -6.66
C GLU C 46 -9.67 -12.57 -8.10
N LYS C 47 -9.01 -13.56 -8.72
CA LYS C 47 -8.52 -13.37 -10.08
C LYS C 47 -9.63 -13.50 -11.12
N PHE C 48 -10.65 -14.31 -10.87
CA PHE C 48 -11.71 -14.49 -11.86
C PHE C 48 -12.46 -13.20 -12.17
N PRO C 49 -12.93 -12.41 -11.19
CA PRO C 49 -13.53 -11.12 -11.56
C PRO C 49 -12.57 -10.18 -12.25
N GLN C 50 -11.29 -10.22 -11.86
CA GLN C 50 -10.31 -9.32 -12.47
C GLN C 50 -10.11 -9.63 -13.95
N VAL C 51 -10.03 -10.91 -14.30
CA VAL C 51 -9.84 -11.27 -15.71
C VAL C 51 -11.15 -11.19 -16.47
N ALA C 52 -12.29 -11.37 -15.80
CA ALA C 52 -13.57 -11.28 -16.47
C ALA C 52 -13.96 -9.84 -16.77
N ALA C 53 -13.51 -8.88 -15.96
CA ALA C 53 -13.79 -7.49 -16.22
C ALA C 53 -13.08 -6.98 -17.46
N THR C 54 -12.02 -7.66 -17.90
CA THR C 54 -11.27 -7.28 -19.09
C THR C 54 -11.64 -8.09 -20.31
N GLY C 55 -12.71 -8.88 -20.24
CA GLY C 55 -13.13 -9.70 -21.36
C GLY C 55 -12.39 -11.00 -21.52
N ASP C 56 -11.63 -11.43 -20.53
CA ASP C 56 -10.88 -12.68 -20.57
C ASP C 56 -11.37 -13.61 -19.46
N GLY C 57 -10.69 -14.74 -19.30
CA GLY C 57 -11.03 -15.68 -18.26
C GLY C 57 -11.51 -17.01 -18.81
N PRO C 58 -11.90 -17.91 -17.91
CA PRO C 58 -12.37 -19.23 -18.34
C PRO C 58 -13.78 -19.17 -18.93
N ASP C 59 -14.06 -20.15 -19.79
CA ASP C 59 -15.39 -20.27 -20.36
C ASP C 59 -16.42 -20.64 -19.30
N ILE C 60 -16.06 -21.52 -18.37
CA ILE C 60 -16.95 -21.97 -17.31
C ILE C 60 -16.24 -21.75 -15.97
N ILE C 61 -16.97 -21.21 -14.99
CA ILE C 61 -16.43 -20.93 -13.67
C ILE C 61 -17.21 -21.73 -12.64
N PHE C 62 -16.49 -22.31 -11.68
CA PHE C 62 -17.08 -23.06 -10.58
C PHE C 62 -16.87 -22.29 -9.28
N TRP C 63 -17.96 -21.96 -8.59
CA TRP C 63 -17.87 -21.31 -7.29
C TRP C 63 -19.26 -21.37 -6.66
N ALA C 64 -19.32 -20.98 -5.38
CA ALA C 64 -20.58 -20.93 -4.68
C ALA C 64 -21.46 -19.82 -5.25
N HIS C 65 -22.78 -19.99 -5.09
CA HIS C 65 -23.74 -19.10 -5.73
C HIS C 65 -23.80 -17.72 -5.09
N ASP C 66 -23.23 -17.55 -3.89
CA ASP C 66 -23.32 -16.25 -3.23
C ASP C 66 -22.53 -15.18 -3.98
N ARG C 67 -21.36 -15.53 -4.52
CA ARG C 67 -20.59 -14.58 -5.30
C ARG C 67 -21.10 -14.42 -6.73
N PHE C 68 -21.92 -15.37 -7.20
CA PHE C 68 -22.44 -15.27 -8.56
C PHE C 68 -23.40 -14.11 -8.72
N GLY C 69 -24.08 -13.71 -7.64
CA GLY C 69 -24.91 -12.52 -7.71
C GLY C 69 -24.08 -11.27 -7.99
N GLY C 70 -22.97 -11.12 -7.26
CA GLY C 70 -22.09 -10.00 -7.53
C GLY C 70 -21.45 -10.08 -8.90
N TYR C 71 -21.13 -11.29 -9.35
CA TYR C 71 -20.58 -11.45 -10.69
C TYR C 71 -21.58 -11.03 -11.76
N ALA C 72 -22.85 -11.40 -11.59
CA ALA C 72 -23.88 -10.97 -12.52
C ALA C 72 -24.10 -9.46 -12.45
N GLN C 73 -23.99 -8.89 -11.25
CA GLN C 73 -24.05 -7.43 -11.12
C GLN C 73 -22.93 -6.76 -11.90
N SER C 74 -21.73 -7.34 -11.86
CA SER C 74 -20.62 -6.84 -12.66
C SER C 74 -20.76 -7.19 -14.14
N GLY C 75 -21.74 -8.02 -14.51
CA GLY C 75 -21.93 -8.41 -15.89
C GLY C 75 -20.97 -9.45 -16.40
N LEU C 76 -20.37 -10.24 -15.50
CA LEU C 76 -19.39 -11.25 -15.88
C LEU C 76 -20.03 -12.61 -16.14
N LEU C 77 -21.33 -12.75 -15.97
CA LEU C 77 -22.02 -14.02 -16.17
C LEU C 77 -23.10 -13.85 -17.24
N ALA C 78 -23.17 -14.82 -18.15
CA ALA C 78 -24.17 -14.84 -19.21
C ALA C 78 -25.37 -15.67 -18.79
N GLU C 79 -26.54 -15.26 -19.26
CA GLU C 79 -27.78 -15.96 -18.93
C GLU C 79 -27.83 -17.31 -19.63
N ILE C 80 -28.18 -18.34 -18.88
CA ILE C 80 -28.33 -19.69 -19.42
C ILE C 80 -29.79 -19.91 -19.80
N THR C 81 -30.02 -20.82 -20.75
CA THR C 81 -31.36 -21.12 -21.26
C THR C 81 -31.59 -22.62 -21.22
N PRO C 82 -31.80 -23.20 -20.04
CA PRO C 82 -32.13 -24.63 -19.96
C PRO C 82 -33.61 -24.88 -20.21
N ASP C 83 -33.89 -25.99 -20.89
CA ASP C 83 -35.26 -26.37 -21.18
CA ASP C 83 -35.27 -26.36 -21.17
C ASP C 83 -35.92 -26.96 -19.92
N LYS C 84 -37.25 -27.09 -19.98
CA LYS C 84 -37.99 -27.62 -18.84
C LYS C 84 -37.60 -29.06 -18.54
N ALA C 85 -37.21 -29.82 -19.57
CA ALA C 85 -36.81 -31.22 -19.34
C ALA C 85 -35.58 -31.30 -18.45
N PHE C 86 -34.59 -30.43 -18.69
CA PHE C 86 -33.41 -30.39 -17.84
C PHE C 86 -33.69 -29.71 -16.51
N GLN C 87 -34.58 -28.72 -16.49
CA GLN C 87 -34.92 -28.04 -15.25
C GLN C 87 -35.60 -28.99 -14.27
N ASP C 88 -36.46 -29.88 -14.78
CA ASP C 88 -37.10 -30.87 -13.92
C ASP C 88 -36.10 -31.88 -13.35
N LYS C 89 -34.92 -32.02 -13.97
CA LYS C 89 -33.92 -32.94 -13.46
C LYS C 89 -33.24 -32.42 -12.20
N LEU C 90 -33.31 -31.11 -11.94
CA LEU C 90 -32.71 -30.51 -10.77
C LEU C 90 -33.79 -30.01 -9.82
N TYR C 91 -33.39 -29.81 -8.57
CA TYR C 91 -34.33 -29.43 -7.53
C TYR C 91 -34.77 -27.98 -7.67
N PRO C 92 -36.03 -27.68 -7.33
CA PRO C 92 -36.51 -26.29 -7.43
C PRO C 92 -35.72 -25.32 -6.57
N PHE C 93 -35.30 -25.73 -5.36
CA PHE C 93 -34.51 -24.83 -4.54
C PHE C 93 -33.11 -24.65 -5.10
N THR C 94 -32.54 -25.68 -5.72
CA THR C 94 -31.26 -25.53 -6.41
C THR C 94 -31.38 -24.53 -7.55
N TRP C 95 -32.47 -24.62 -8.33
CA TRP C 95 -32.69 -23.62 -9.38
C TRP C 95 -32.89 -22.23 -8.79
N ASP C 96 -33.55 -22.13 -7.64
CA ASP C 96 -33.73 -20.84 -6.98
C ASP C 96 -32.39 -20.25 -6.58
N ALA C 97 -31.46 -21.09 -6.10
CA ALA C 97 -30.17 -20.60 -5.65
C ALA C 97 -29.36 -19.94 -6.76
N VAL C 98 -29.68 -20.22 -8.02
CA VAL C 98 -28.91 -19.69 -9.14
C VAL C 98 -29.72 -18.70 -9.97
N ARG C 99 -30.79 -18.14 -9.39
CA ARG C 99 -31.63 -17.17 -10.08
C ARG C 99 -31.39 -15.78 -9.51
N TYR C 100 -31.12 -14.82 -10.39
CA TYR C 100 -30.95 -13.43 -10.01
C TYR C 100 -31.56 -12.54 -11.09
N ASN C 101 -32.28 -11.50 -10.64
CA ASN C 101 -32.93 -10.54 -11.53
C ASN C 101 -33.92 -11.22 -12.47
N GLY C 102 -34.51 -12.33 -12.03
CA GLY C 102 -35.47 -13.04 -12.84
C GLY C 102 -34.88 -13.90 -13.93
N LYS C 103 -33.56 -14.03 -14.01
CA LYS C 103 -32.90 -14.81 -15.04
C LYS C 103 -31.96 -15.82 -14.40
N LEU C 104 -31.87 -16.99 -15.02
CA LEU C 104 -30.95 -18.02 -14.57
C LEU C 104 -29.55 -17.71 -15.09
N ILE C 105 -28.57 -17.71 -14.19
CA ILE C 105 -27.22 -17.29 -14.52
C ILE C 105 -26.20 -18.42 -14.44
N ALA C 106 -26.55 -19.55 -13.83
CA ALA C 106 -25.56 -20.61 -13.62
C ALA C 106 -26.29 -21.93 -13.38
N TYR C 107 -25.52 -23.02 -13.49
CA TYR C 107 -26.07 -24.36 -13.33
C TYR C 107 -25.67 -24.93 -11.97
N PRO C 108 -26.62 -25.27 -11.11
CA PRO C 108 -26.27 -25.87 -9.82
C PRO C 108 -25.53 -27.20 -10.00
N ILE C 109 -24.57 -27.46 -9.11
CA ILE C 109 -23.77 -28.68 -9.18
C ILE C 109 -23.91 -29.47 -7.88
N ALA C 110 -23.49 -28.87 -6.77
CA ALA C 110 -23.50 -29.53 -5.47
C ALA C 110 -24.09 -28.60 -4.42
N VAL C 111 -24.67 -29.21 -3.38
CA VAL C 111 -25.35 -28.49 -2.31
C VAL C 111 -24.68 -28.83 -0.99
N GLU C 112 -24.31 -27.80 -0.23
CA GLU C 112 -23.67 -27.97 1.07
C GLU C 112 -24.45 -27.21 2.13
N ALA C 113 -24.60 -27.83 3.29
CA ALA C 113 -25.32 -27.21 4.40
C ALA C 113 -24.87 -27.86 5.70
N LEU C 114 -25.17 -27.19 6.81
CA LEU C 114 -24.83 -27.70 8.12
C LEU C 114 -25.70 -28.91 8.47
N SER C 115 -25.19 -29.74 9.38
CA SER C 115 -25.90 -30.92 9.82
C SER C 115 -25.50 -31.24 11.25
N LEU C 116 -26.35 -32.00 11.93
CA LEU C 116 -26.11 -32.42 13.30
C LEU C 116 -25.28 -33.69 13.29
N ILE C 117 -24.13 -33.65 13.99
CA ILE C 117 -23.24 -34.80 14.09
C ILE C 117 -23.25 -35.27 15.54
N TYR C 118 -23.64 -36.53 15.75
CA TYR C 118 -23.79 -37.07 17.09
C TYR C 118 -22.95 -38.33 17.25
N ASN C 119 -22.58 -38.62 18.49
CA ASN C 119 -21.79 -39.80 18.81
C ASN C 119 -22.73 -40.98 19.07
N LYS C 120 -22.59 -42.03 18.27
CA LYS C 120 -23.46 -43.19 18.42
C LYS C 120 -23.21 -43.92 19.75
N ASP C 121 -21.95 -44.03 20.16
CA ASP C 121 -21.63 -44.75 21.38
C ASP C 121 -22.21 -44.06 22.61
N LEU C 122 -22.08 -42.73 22.67
CA LEU C 122 -22.60 -41.97 23.80
C LEU C 122 -24.06 -41.55 23.64
N LEU C 123 -24.63 -41.73 22.45
CA LEU C 123 -26.02 -41.34 22.20
C LEU C 123 -26.58 -42.09 21.01
N PRO C 124 -27.15 -43.27 21.22
CA PRO C 124 -27.72 -44.02 20.08
C PRO C 124 -28.86 -43.28 19.39
N ASN C 125 -29.66 -42.52 20.13
CA ASN C 125 -30.81 -41.81 19.58
C ASN C 125 -30.64 -40.31 19.77
N PRO C 126 -30.22 -39.57 18.74
CA PRO C 126 -30.10 -38.12 18.89
C PRO C 126 -31.46 -37.49 19.11
N PRO C 127 -31.54 -36.41 19.90
CA PRO C 127 -32.82 -35.75 20.11
C PRO C 127 -33.31 -35.07 18.84
N LYS C 128 -34.64 -35.02 18.71
CA LYS C 128 -35.27 -34.37 17.55
C LYS C 128 -35.64 -32.92 17.82
N THR C 129 -35.54 -32.45 19.07
CA THR C 129 -35.90 -31.10 19.42
C THR C 129 -34.79 -30.46 20.26
N TRP C 130 -34.70 -29.13 20.18
CA TRP C 130 -33.72 -28.40 20.97
C TRP C 130 -34.05 -28.41 22.46
N GLU C 131 -35.33 -28.59 22.81
CA GLU C 131 -35.73 -28.57 24.21
C GLU C 131 -35.24 -29.79 24.99
N GLU C 132 -34.97 -30.90 24.31
CA GLU C 132 -34.43 -32.08 24.96
C GLU C 132 -32.95 -31.92 25.29
N ILE C 133 -32.26 -31.00 24.62
CA ILE C 133 -30.82 -30.84 24.83
C ILE C 133 -30.46 -30.52 26.27
N PRO C 134 -31.16 -29.62 26.98
CA PRO C 134 -30.82 -29.40 28.40
C PRO C 134 -30.89 -30.66 29.25
N ALA C 135 -31.97 -31.45 29.12
CA ALA C 135 -32.09 -32.68 29.91
C ALA C 135 -31.01 -33.69 29.52
N LEU C 136 -30.74 -33.82 28.22
CA LEU C 136 -29.70 -34.74 27.78
C LEU C 136 -28.33 -34.31 28.30
N ASP C 137 -28.06 -33.01 28.30
CA ASP C 137 -26.79 -32.51 28.80
C ASP C 137 -26.65 -32.75 30.30
N LYS C 138 -27.74 -32.57 31.05
CA LYS C 138 -27.69 -32.88 32.48
C LYS C 138 -27.44 -34.36 32.72
N GLU C 139 -28.10 -35.23 31.95
CA GLU C 139 -27.88 -36.66 32.09
C GLU C 139 -26.45 -37.05 31.77
N LEU C 140 -25.88 -36.45 30.71
CA LEU C 140 -24.50 -36.76 30.35
C LEU C 140 -23.51 -36.19 31.37
N LYS C 141 -23.81 -35.02 31.94
CA LYS C 141 -22.97 -34.46 32.99
C LYS C 141 -23.03 -35.31 34.25
N ALA C 142 -24.14 -36.02 34.47
CA ALA C 142 -24.16 -37.02 35.53
C ALA C 142 -23.15 -38.14 35.29
N LYS C 143 -22.76 -38.35 34.03
CA LYS C 143 -21.72 -39.32 33.69
C LYS C 143 -20.38 -38.65 33.39
N GLY C 144 -20.28 -37.34 33.60
CA GLY C 144 -19.01 -36.65 33.39
C GLY C 144 -18.72 -36.26 31.95
N LYS C 145 -19.75 -36.09 31.13
CA LYS C 145 -19.58 -35.69 29.74
C LYS C 145 -20.45 -34.48 29.45
N SER C 146 -20.43 -34.04 28.19
CA SER C 146 -21.24 -32.91 27.73
C SER C 146 -22.01 -33.32 26.49
N ALA C 147 -23.15 -32.65 26.27
CA ALA C 147 -24.03 -33.04 25.18
C ALA C 147 -23.58 -32.45 23.83
N LEU C 148 -23.56 -31.12 23.74
CA LEU C 148 -23.36 -30.45 22.47
C LEU C 148 -22.67 -29.12 22.69
N MET C 149 -21.59 -28.87 21.95
CA MET C 149 -20.96 -27.56 21.88
C MET C 149 -20.45 -27.35 20.47
N PHE C 150 -20.72 -26.18 19.89
CA PHE C 150 -20.34 -25.87 18.52
C PHE C 150 -19.84 -24.43 18.44
N ASN C 151 -19.66 -23.96 17.21
CA ASN C 151 -19.12 -22.62 16.96
C ASN C 151 -20.17 -21.56 17.31
N LEU C 152 -19.99 -20.92 18.46
CA LEU C 152 -20.79 -19.76 18.82
C LEU C 152 -20.23 -18.46 18.29
N GLN C 153 -19.02 -18.47 17.74
CA GLN C 153 -18.36 -17.28 17.24
C GLN C 153 -18.73 -16.97 15.79
N GLU C 154 -19.52 -17.81 15.14
CA GLU C 154 -19.88 -17.62 13.74
C GLU C 154 -21.39 -17.49 13.60
N PRO C 155 -21.89 -16.41 12.99
CA PRO C 155 -23.31 -16.35 12.66
C PRO C 155 -23.75 -17.47 11.74
N TYR C 156 -22.87 -17.94 10.86
CA TYR C 156 -23.21 -19.05 9.99
C TYR C 156 -23.58 -20.30 10.80
N PHE C 157 -22.95 -20.49 11.96
CA PHE C 157 -23.26 -21.62 12.82
C PHE C 157 -24.40 -21.34 13.79
N THR C 158 -24.54 -20.08 14.25
CA THR C 158 -25.60 -19.77 15.20
C THR C 158 -26.95 -19.50 14.54
N TRP C 159 -26.99 -19.33 13.22
CA TRP C 159 -28.25 -19.04 12.55
C TRP C 159 -29.30 -20.15 12.63
N PRO C 160 -28.97 -21.43 12.48
CA PRO C 160 -30.04 -22.46 12.47
C PRO C 160 -30.95 -22.42 13.69
N LEU C 161 -30.40 -22.17 14.88
CA LEU C 161 -31.24 -22.10 16.08
C LEU C 161 -32.01 -20.79 16.13
N ILE C 162 -31.38 -19.68 15.76
CA ILE C 162 -32.02 -18.37 15.89
C ILE C 162 -33.19 -18.25 14.91
N ALA C 163 -32.98 -18.61 13.66
CA ALA C 163 -33.97 -18.42 12.60
C ALA C 163 -34.85 -19.65 12.39
N ALA C 164 -35.08 -20.45 13.43
CA ALA C 164 -35.87 -21.66 13.28
C ALA C 164 -37.35 -21.35 13.20
N ASP C 165 -37.81 -20.31 13.89
CA ASP C 165 -39.23 -20.02 14.05
C ASP C 165 -39.66 -18.80 13.25
N GLY C 166 -39.14 -18.66 12.03
CA GLY C 166 -39.53 -17.58 11.14
C GLY C 166 -38.46 -16.54 10.90
N GLY C 167 -37.33 -16.60 11.59
CA GLY C 167 -36.26 -15.64 11.33
C GLY C 167 -35.69 -15.81 9.93
N TYR C 168 -35.28 -14.70 9.35
CA TYR C 168 -34.70 -14.72 8.01
C TYR C 168 -33.75 -13.54 7.87
N ALA C 169 -32.83 -13.67 6.92
CA ALA C 169 -31.86 -12.60 6.67
C ALA C 169 -32.48 -11.51 5.79
N PHE C 170 -32.87 -11.87 4.57
CA PHE C 170 -33.47 -10.93 3.63
C PHE C 170 -34.73 -11.55 3.05
N LYS C 171 -35.78 -10.74 2.95
CA LYS C 171 -37.05 -11.23 2.42
C LYS C 171 -36.92 -11.55 0.94
N TYR C 172 -37.40 -12.72 0.54
CA TYR C 172 -37.31 -13.19 -0.83
C TYR C 172 -38.71 -13.40 -1.38
N GLU C 173 -39.04 -12.67 -2.45
CA GLU C 173 -40.35 -12.75 -3.07
C GLU C 173 -40.18 -12.59 -4.58
N ASN C 174 -40.66 -13.58 -5.34
CA ASN C 174 -40.70 -13.53 -6.80
C ASN C 174 -39.31 -13.28 -7.40
N GLY C 175 -38.33 -14.02 -6.89
CA GLY C 175 -36.99 -13.96 -7.46
C GLY C 175 -36.22 -12.70 -7.16
N LYS C 176 -36.63 -11.94 -6.15
CA LYS C 176 -35.92 -10.72 -5.78
C LYS C 176 -35.83 -10.65 -4.25
N TYR C 177 -34.70 -10.17 -3.76
CA TYR C 177 -34.46 -10.04 -2.32
C TYR C 177 -34.73 -8.60 -1.89
N ASP C 178 -35.59 -8.43 -0.90
CA ASP C 178 -35.96 -7.11 -0.40
C ASP C 178 -34.94 -6.70 0.66
N ILE C 179 -34.08 -5.74 0.31
CA ILE C 179 -33.03 -5.31 1.22
C ILE C 179 -33.63 -4.62 2.45
N LYS C 180 -34.63 -3.77 2.23
CA LYS C 180 -35.24 -3.02 3.32
C LYS C 180 -36.04 -3.90 4.28
N ASP C 181 -36.33 -5.14 3.91
CA ASP C 181 -37.08 -6.05 4.77
C ASP C 181 -36.11 -7.06 5.37
N VAL C 182 -35.78 -6.89 6.64
CA VAL C 182 -34.86 -7.75 7.35
C VAL C 182 -35.53 -8.23 8.62
N GLY C 183 -35.48 -9.54 8.87
CA GLY C 183 -36.13 -10.13 10.02
C GLY C 183 -35.19 -10.55 11.12
N VAL C 184 -34.18 -9.72 11.41
CA VAL C 184 -33.22 -10.05 12.44
C VAL C 184 -33.86 -10.00 13.82
N ASP C 185 -34.74 -9.01 14.05
CA ASP C 185 -35.34 -8.81 15.37
C ASP C 185 -36.81 -9.17 15.41
N ASN C 186 -37.22 -10.20 14.66
CA ASN C 186 -38.59 -10.65 14.69
C ASN C 186 -38.80 -11.61 15.87
N ALA C 187 -40.04 -12.07 16.05
CA ALA C 187 -40.37 -12.90 17.20
C ALA C 187 -39.61 -14.23 17.17
N GLY C 188 -39.52 -14.85 15.99
CA GLY C 188 -38.84 -16.14 15.91
C GLY C 188 -37.36 -16.03 16.23
N ALA C 189 -36.69 -15.03 15.67
CA ALA C 189 -35.28 -14.83 15.96
C ALA C 189 -35.07 -14.46 17.43
N LYS C 190 -35.97 -13.65 17.99
CA LYS C 190 -35.87 -13.32 19.40
C LYS C 190 -35.97 -14.56 20.27
N ALA C 191 -36.93 -15.44 19.96
CA ALA C 191 -37.08 -16.68 20.73
C ALA C 191 -35.86 -17.59 20.57
N GLY C 192 -35.33 -17.69 19.35
CA GLY C 192 -34.17 -18.53 19.13
C GLY C 192 -32.95 -18.03 19.88
N LEU C 193 -32.69 -16.72 19.82
CA LEU C 193 -31.56 -16.16 20.54
C LEU C 193 -31.76 -16.24 22.05
N THR C 194 -33.00 -16.10 22.51
CA THR C 194 -33.28 -16.28 23.94
C THR C 194 -32.98 -17.70 24.37
N PHE C 195 -33.37 -18.69 23.56
CA PHE C 195 -33.04 -20.07 23.88
C PHE C 195 -31.54 -20.30 23.91
N LEU C 196 -30.83 -19.71 22.94
CA LEU C 196 -29.37 -19.87 22.89
C LEU C 196 -28.71 -19.27 24.13
N VAL C 197 -29.11 -18.05 24.52
CA VAL C 197 -28.49 -17.41 25.67
C VAL C 197 -28.89 -18.14 26.95
N ASP C 198 -30.09 -18.70 27.01
CA ASP C 198 -30.48 -19.51 28.16
C ASP C 198 -29.61 -20.75 28.27
N LEU C 199 -29.34 -21.41 27.14
CA LEU C 199 -28.43 -22.56 27.15
C LEU C 199 -27.04 -22.14 27.63
N ILE C 200 -26.56 -20.98 27.18
CA ILE C 200 -25.26 -20.50 27.62
C ILE C 200 -25.24 -20.22 29.12
N LYS C 201 -26.29 -19.56 29.63
CA LYS C 201 -26.32 -19.18 31.04
C LYS C 201 -26.47 -20.39 31.95
N ASN C 202 -27.21 -21.41 31.52
CA ASN C 202 -27.43 -22.59 32.34
C ASN C 202 -26.23 -23.53 32.35
N LYS C 203 -25.04 -23.07 31.94
CA LYS C 203 -23.80 -23.83 31.91
C LYS C 203 -23.87 -25.03 30.98
N HIS C 204 -24.90 -25.10 30.12
CA HIS C 204 -24.98 -26.17 29.15
C HIS C 204 -23.99 -25.99 28.01
N MET C 205 -23.61 -24.75 27.72
CA MET C 205 -22.67 -24.45 26.65
C MET C 205 -21.83 -23.24 27.07
N ASN C 206 -20.59 -23.23 26.60
CA ASN C 206 -19.64 -22.16 26.93
C ASN C 206 -19.64 -21.11 25.83
N ALA C 207 -19.77 -19.85 26.23
CA ALA C 207 -19.82 -18.77 25.26
C ALA C 207 -18.50 -18.58 24.51
N ASP C 208 -17.39 -19.04 25.07
CA ASP C 208 -16.09 -18.93 24.44
C ASP C 208 -15.74 -20.12 23.56
N THR C 209 -16.64 -21.10 23.44
CA THR C 209 -16.39 -22.27 22.61
C THR C 209 -16.32 -21.87 21.15
N ASP C 210 -15.27 -22.32 20.46
CA ASP C 210 -15.10 -22.02 19.04
C ASP C 210 -14.89 -23.29 18.24
N TYR C 211 -14.53 -23.14 16.96
CA TYR C 211 -14.46 -24.30 16.06
C TYR C 211 -13.39 -25.29 16.52
N SER C 212 -12.20 -24.78 16.86
CA SER C 212 -11.12 -25.67 17.27
CA SER C 212 -11.12 -25.67 17.27
C SER C 212 -11.48 -26.43 18.54
N ILE C 213 -12.04 -25.73 19.53
CA ILE C 213 -12.40 -26.38 20.80
C ILE C 213 -13.48 -27.43 20.58
N ALA C 214 -14.51 -27.07 19.80
CA ALA C 214 -15.60 -28.02 19.54
C ALA C 214 -15.09 -29.24 18.79
N GLU C 215 -14.26 -29.03 17.77
CA GLU C 215 -13.75 -30.16 17.00
C GLU C 215 -12.87 -31.06 17.84
N ALA C 216 -11.99 -30.47 18.66
CA ALA C 216 -11.13 -31.28 19.52
C ALA C 216 -11.96 -32.05 20.54
N ALA C 217 -12.96 -31.40 21.14
CA ALA C 217 -13.78 -32.06 22.13
C ALA C 217 -14.56 -33.23 21.53
N PHE C 218 -15.12 -33.04 20.33
CA PHE C 218 -15.86 -34.13 19.71
C PHE C 218 -14.94 -35.25 19.25
N ASN C 219 -13.77 -34.92 18.70
CA ASN C 219 -12.84 -35.93 18.25
C ASN C 219 -12.20 -36.69 19.41
N LYS C 220 -12.18 -36.11 20.60
CA LYS C 220 -11.68 -36.79 21.78
C LYS C 220 -12.78 -37.54 22.53
N GLY C 221 -14.00 -37.54 22.02
CA GLY C 221 -15.09 -38.24 22.66
C GLY C 221 -15.69 -37.58 23.87
N GLU C 222 -15.38 -36.30 24.12
CA GLU C 222 -15.88 -35.60 25.29
C GLU C 222 -17.29 -35.06 25.11
N THR C 223 -17.81 -35.01 23.88
CA THR C 223 -19.13 -34.47 23.61
C THR C 223 -19.97 -35.51 22.88
N ALA C 224 -21.27 -35.47 23.14
CA ALA C 224 -22.19 -36.40 22.47
C ALA C 224 -22.60 -35.89 21.09
N MET C 225 -22.75 -34.57 20.94
CA MET C 225 -23.20 -34.00 19.68
C MET C 225 -22.34 -32.79 19.33
N THR C 226 -22.32 -32.47 18.04
CA THR C 226 -21.68 -31.26 17.54
C THR C 226 -22.32 -30.90 16.21
N ILE C 227 -22.14 -29.64 15.82
CA ILE C 227 -22.70 -29.12 14.57
C ILE C 227 -21.54 -28.74 13.66
N ASN C 228 -21.47 -29.38 12.49
CA ASN C 228 -20.40 -29.12 11.54
C ASN C 228 -20.87 -29.58 10.16
N GLY C 229 -20.17 -29.09 9.13
CA GLY C 229 -20.48 -29.43 7.77
C GLY C 229 -19.76 -30.68 7.31
N PRO C 230 -19.86 -30.98 6.01
CA PRO C 230 -19.16 -32.16 5.47
C PRO C 230 -17.65 -32.07 5.58
N TRP C 231 -17.08 -30.88 5.72
CA TRP C 231 -15.63 -30.71 5.72
C TRP C 231 -14.96 -31.34 6.93
N ALA C 232 -15.69 -31.56 8.02
CA ALA C 232 -15.13 -32.18 9.22
C ALA C 232 -15.27 -33.70 9.22
N TRP C 233 -15.93 -34.27 8.20
CA TRP C 233 -16.13 -35.72 8.16
C TRP C 233 -14.80 -36.45 8.06
N SER C 234 -13.85 -35.92 7.27
CA SER C 234 -12.55 -36.56 7.16
C SER C 234 -11.81 -36.52 8.50
N ASN C 235 -11.87 -35.40 9.20
CA ASN C 235 -11.22 -35.30 10.51
C ASN C 235 -11.83 -36.28 11.50
N ILE C 236 -13.15 -36.40 11.50
CA ILE C 236 -13.79 -37.32 12.43
C ILE C 236 -13.46 -38.77 12.06
N ASP C 237 -13.39 -39.07 10.76
CA ASP C 237 -13.01 -40.40 10.33
C ASP C 237 -11.59 -40.74 10.79
N THR C 238 -10.68 -39.77 10.67
CA THR C 238 -9.33 -39.96 11.21
C THR C 238 -9.37 -40.19 12.72
N SER C 239 -10.21 -39.43 13.43
CA SER C 239 -10.35 -39.58 14.87
CA SER C 239 -10.35 -39.58 14.87
C SER C 239 -11.03 -40.88 15.27
N LYS C 240 -11.60 -41.61 14.31
CA LYS C 240 -12.26 -42.92 14.50
C LYS C 240 -13.34 -42.87 15.58
N VAL C 241 -14.09 -41.77 15.62
CA VAL C 241 -15.22 -41.66 16.54
C VAL C 241 -16.45 -42.27 15.88
N ASN C 242 -17.17 -43.12 16.61
CA ASN C 242 -18.39 -43.72 16.08
C ASN C 242 -19.49 -42.67 16.00
N TYR C 243 -19.54 -41.93 14.90
CA TYR C 243 -20.38 -40.76 14.77
C TYR C 243 -21.50 -41.00 13.77
N GLY C 244 -22.60 -40.27 13.95
CA GLY C 244 -23.70 -40.29 13.01
C GLY C 244 -24.11 -38.87 12.66
N VAL C 245 -24.72 -38.74 11.49
CA VAL C 245 -25.19 -37.46 10.97
C VAL C 245 -26.69 -37.56 10.74
N THR C 246 -27.44 -36.63 11.32
CA THR C 246 -28.89 -36.63 11.23
C THR C 246 -29.38 -35.20 11.03
N VAL C 247 -30.70 -35.05 10.95
CA VAL C 247 -31.29 -33.72 10.79
C VAL C 247 -31.07 -32.90 12.04
N LEU C 248 -30.92 -31.59 11.87
CA LEU C 248 -30.74 -30.70 13.00
C LEU C 248 -32.00 -30.70 13.87
N PRO C 249 -31.85 -30.54 15.19
CA PRO C 249 -33.03 -30.53 16.06
C PRO C 249 -33.95 -29.37 15.75
N THR C 250 -35.24 -29.59 15.96
CA THR C 250 -36.26 -28.58 15.72
C THR C 250 -36.42 -27.69 16.95
N PHE C 251 -36.97 -26.50 16.71
CA PHE C 251 -37.20 -25.52 17.77
C PHE C 251 -38.67 -25.11 17.72
N LYS C 252 -39.40 -25.40 18.80
CA LYS C 252 -40.83 -25.12 18.89
C LYS C 252 -41.61 -25.75 17.74
N GLY C 253 -41.18 -26.95 17.33
CA GLY C 253 -41.83 -27.67 16.26
C GLY C 253 -41.38 -27.30 14.87
N GLN C 254 -40.64 -26.21 14.71
CA GLN C 254 -40.18 -25.79 13.39
C GLN C 254 -38.74 -26.26 13.15
N PRO C 255 -38.47 -26.80 11.97
CA PRO C 255 -37.11 -27.28 11.68
C PRO C 255 -36.12 -26.13 11.61
N SER C 256 -34.87 -26.45 11.93
CA SER C 256 -33.79 -25.46 11.83
C SER C 256 -33.57 -25.08 10.38
N LYS C 257 -33.02 -23.88 10.18
CA LYS C 257 -32.83 -23.30 8.84
C LYS C 257 -31.38 -22.90 8.67
N PRO C 258 -30.48 -23.87 8.47
CA PRO C 258 -29.08 -23.52 8.23
C PRO C 258 -28.90 -22.90 6.86
N PHE C 259 -27.84 -22.08 6.75
CA PHE C 259 -27.52 -21.47 5.47
C PHE C 259 -27.08 -22.53 4.46
N VAL C 260 -27.55 -22.39 3.22
CA VAL C 260 -27.33 -23.38 2.17
C VAL C 260 -26.40 -22.78 1.13
N GLY C 261 -25.26 -23.43 0.91
CA GLY C 261 -24.33 -23.01 -0.12
C GLY C 261 -24.31 -24.00 -1.27
N VAL C 262 -24.52 -23.50 -2.49
CA VAL C 262 -24.66 -24.35 -3.67
C VAL C 262 -23.50 -24.06 -4.61
N LEU C 263 -22.71 -25.09 -4.90
CA LEU C 263 -21.71 -24.99 -5.96
C LEU C 263 -22.41 -24.99 -7.31
N SER C 264 -22.09 -24.01 -8.14
CA SER C 264 -22.83 -23.81 -9.37
C SER C 264 -21.86 -23.50 -10.51
N ALA C 265 -22.36 -23.68 -11.73
CA ALA C 265 -21.56 -23.57 -12.95
C ALA C 265 -21.96 -22.33 -13.73
N GLY C 266 -21.10 -21.31 -13.70
CA GLY C 266 -21.35 -20.06 -14.40
C GLY C 266 -20.65 -19.99 -15.75
N ILE C 267 -21.22 -19.20 -16.64
CA ILE C 267 -20.70 -19.01 -18.00
C ILE C 267 -20.25 -17.56 -18.15
N ASN C 268 -19.02 -17.37 -18.63
CA ASN C 268 -18.49 -16.03 -18.83
C ASN C 268 -19.26 -15.30 -19.93
N ALA C 269 -19.53 -14.02 -19.70
CA ALA C 269 -20.25 -13.23 -20.69
C ALA C 269 -19.44 -13.04 -21.96
N ALA C 270 -18.13 -12.86 -21.83
CA ALA C 270 -17.25 -12.64 -22.97
C ALA C 270 -16.80 -13.95 -23.63
N SER C 271 -17.17 -15.09 -23.09
CA SER C 271 -16.76 -16.37 -23.65
C SER C 271 -17.55 -16.63 -24.94
N PRO C 272 -16.88 -16.86 -26.07
CA PRO C 272 -17.60 -17.14 -27.33
C PRO C 272 -17.94 -18.61 -27.55
N ASN C 273 -17.84 -19.45 -26.53
CA ASN C 273 -18.10 -20.88 -26.65
C ASN C 273 -19.28 -21.29 -25.78
N LYS C 274 -20.28 -20.41 -25.70
CA LYS C 274 -21.40 -20.62 -24.79
C LYS C 274 -22.22 -21.85 -25.17
N GLU C 275 -22.43 -22.07 -26.46
CA GLU C 275 -23.26 -23.20 -26.89
C GLU C 275 -22.62 -24.52 -26.48
N LEU C 276 -21.33 -24.69 -26.78
CA LEU C 276 -20.65 -25.93 -26.42
C LEU C 276 -20.50 -26.06 -24.90
N ALA C 277 -20.30 -24.94 -24.20
CA ALA C 277 -20.24 -25.00 -22.74
C ALA C 277 -21.56 -25.49 -22.15
N LYS C 278 -22.68 -24.96 -22.66
CA LYS C 278 -23.99 -25.39 -22.20
C LYS C 278 -24.23 -26.86 -22.52
N GLU C 279 -23.86 -27.28 -23.74
CA GLU C 279 -24.02 -28.69 -24.11
CA GLU C 279 -24.02 -28.69 -24.10
C GLU C 279 -23.20 -29.60 -23.20
N PHE C 280 -21.95 -29.22 -22.92
CA PHE C 280 -21.11 -30.01 -22.03
C PHE C 280 -21.72 -30.11 -20.65
N LEU C 281 -22.13 -28.98 -20.09
CA LEU C 281 -22.71 -28.99 -18.74
C LEU C 281 -23.97 -29.84 -18.69
N GLU C 282 -24.83 -29.73 -19.71
CA GLU C 282 -26.12 -30.40 -19.65
C GLU C 282 -26.02 -31.89 -19.92
N ASN C 283 -25.14 -32.31 -20.84
CA ASN C 283 -25.18 -33.69 -21.32
C ASN C 283 -23.97 -34.52 -20.89
N TYR C 284 -22.89 -33.92 -20.43
CA TYR C 284 -21.70 -34.70 -20.06
C TYR C 284 -21.25 -34.49 -18.63
N LEU C 285 -21.32 -33.26 -18.11
CA LEU C 285 -20.93 -33.03 -16.72
C LEU C 285 -22.07 -33.36 -15.77
N LEU C 286 -23.21 -32.67 -15.94
CA LEU C 286 -24.37 -32.90 -15.07
C LEU C 286 -25.10 -34.17 -15.49
N THR C 287 -24.39 -35.29 -15.36
CA THR C 287 -24.94 -36.63 -15.56
C THR C 287 -24.45 -37.51 -14.43
N ASP C 288 -25.01 -38.72 -14.36
CA ASP C 288 -24.61 -39.66 -13.32
C ASP C 288 -23.14 -40.01 -13.43
N GLU C 289 -22.68 -40.29 -14.65
CA GLU C 289 -21.28 -40.66 -14.85
C GLU C 289 -20.34 -39.51 -14.51
N GLY C 290 -20.67 -38.29 -14.93
CA GLY C 290 -19.82 -37.15 -14.61
C GLY C 290 -19.77 -36.87 -13.12
N LEU C 291 -20.93 -36.89 -12.47
CA LEU C 291 -20.97 -36.65 -11.03
C LEU C 291 -20.21 -37.72 -10.26
N GLU C 292 -20.34 -38.99 -10.66
CA GLU C 292 -19.59 -40.04 -9.96
C GLU C 292 -18.09 -39.93 -10.23
N ALA C 293 -17.71 -39.52 -11.45
CA ALA C 293 -16.29 -39.31 -11.73
C ALA C 293 -15.71 -38.19 -10.87
N VAL C 294 -16.46 -37.10 -10.70
CA VAL C 294 -15.98 -36.01 -9.86
C VAL C 294 -15.94 -36.44 -8.40
N ASN C 295 -16.97 -37.16 -7.94
CA ASN C 295 -17.02 -37.59 -6.55
C ASN C 295 -15.94 -38.59 -6.21
N LYS C 296 -15.52 -39.41 -7.18
CA LYS C 296 -14.42 -40.34 -6.94
C LYS C 296 -13.14 -39.61 -6.61
N ASP C 297 -12.86 -38.51 -7.32
CA ASP C 297 -11.70 -37.69 -7.00
C ASP C 297 -11.89 -36.96 -5.67
N LYS C 298 -12.96 -36.16 -5.58
CA LYS C 298 -13.22 -35.39 -4.36
C LYS C 298 -14.72 -35.45 -4.07
N PRO C 299 -15.11 -35.84 -2.86
CA PRO C 299 -16.54 -35.90 -2.54
C PRO C 299 -17.18 -34.53 -2.63
N LEU C 300 -18.44 -34.51 -3.10
CA LEU C 300 -19.20 -33.28 -3.25
C LEU C 300 -20.36 -33.19 -2.27
N GLY C 301 -20.60 -34.22 -1.46
CA GLY C 301 -21.76 -34.21 -0.60
C GLY C 301 -23.05 -34.32 -1.40
N ALA C 302 -24.04 -33.54 -1.01
CA ALA C 302 -25.30 -33.50 -1.75
C ALA C 302 -25.09 -32.90 -3.13
N VAL C 303 -25.89 -33.36 -4.09
CA VAL C 303 -25.79 -32.94 -5.47
C VAL C 303 -27.14 -32.42 -5.94
N ALA C 304 -27.09 -31.54 -6.95
CA ALA C 304 -28.32 -30.96 -7.48
C ALA C 304 -29.14 -31.98 -8.24
N LEU C 305 -28.48 -32.89 -8.96
CA LEU C 305 -29.18 -33.89 -9.75
C LEU C 305 -29.84 -34.93 -8.86
N LYS C 306 -31.12 -35.19 -9.09
CA LYS C 306 -31.79 -36.26 -8.37
C LYS C 306 -31.24 -37.63 -8.76
N SER C 307 -30.99 -37.85 -10.05
CA SER C 307 -30.52 -39.16 -10.51
C SER C 307 -29.29 -39.61 -9.73
N TYR C 308 -28.42 -38.67 -9.36
CA TYR C 308 -27.32 -38.96 -8.46
C TYR C 308 -27.69 -38.81 -6.99
N GLU C 309 -28.74 -38.03 -6.70
CA GLU C 309 -29.06 -37.72 -5.31
C GLU C 309 -29.64 -38.92 -4.58
N GLU C 310 -30.61 -39.63 -5.19
CA GLU C 310 -31.10 -40.84 -4.54
C GLU C 310 -30.02 -41.92 -4.47
N GLU C 311 -29.11 -41.96 -5.44
CA GLU C 311 -28.03 -42.94 -5.37
C GLU C 311 -27.10 -42.63 -4.20
N LEU C 312 -26.79 -41.36 -3.99
CA LEU C 312 -26.00 -40.97 -2.83
C LEU C 312 -26.79 -41.04 -1.53
N ALA C 313 -28.11 -41.14 -1.60
CA ALA C 313 -28.94 -41.12 -0.39
C ALA C 313 -28.74 -42.35 0.48
N LYS C 314 -28.11 -43.40 -0.05
CA LYS C 314 -27.83 -44.57 0.78
C LYS C 314 -26.87 -44.24 1.92
N ASP C 315 -26.07 -43.19 1.78
CA ASP C 315 -25.24 -42.73 2.87
C ASP C 315 -26.07 -41.90 3.84
N PRO C 316 -26.17 -42.28 5.12
CA PRO C 316 -26.96 -41.47 6.06
C PRO C 316 -26.46 -40.05 6.19
N ARG C 317 -25.15 -39.85 6.13
CA ARG C 317 -24.60 -38.49 6.22
C ARG C 317 -25.05 -37.64 5.04
N ILE C 318 -24.98 -38.19 3.83
CA ILE C 318 -25.41 -37.46 2.65
C ILE C 318 -26.90 -37.18 2.69
N ALA C 319 -27.70 -38.16 3.13
CA ALA C 319 -29.14 -37.95 3.23
C ALA C 319 -29.47 -36.85 4.24
N ALA C 320 -28.78 -36.86 5.40
CA ALA C 320 -29.01 -35.83 6.40
C ALA C 320 -28.61 -34.46 5.89
N THR C 321 -27.47 -34.38 5.20
CA THR C 321 -27.05 -33.10 4.63
C THR C 321 -28.05 -32.59 3.61
N MET C 322 -28.57 -33.49 2.75
CA MET C 322 -29.54 -33.08 1.75
C MET C 322 -30.83 -32.59 2.39
N GLU C 323 -31.33 -33.31 3.39
CA GLU C 323 -32.58 -32.89 4.02
C GLU C 323 -32.40 -31.59 4.80
N ASN C 324 -31.23 -31.41 5.44
CA ASN C 324 -30.96 -30.16 6.13
C ASN C 324 -30.88 -29.00 5.15
N ALA C 325 -30.26 -29.21 3.99
CA ALA C 325 -30.22 -28.17 2.97
C ALA C 325 -31.61 -27.84 2.45
N GLN C 326 -32.44 -28.87 2.25
CA GLN C 326 -33.81 -28.65 1.78
C GLN C 326 -34.62 -27.86 2.79
N LYS C 327 -34.48 -28.19 4.08
CA LYS C 327 -35.23 -27.49 5.12
C LYS C 327 -34.61 -26.16 5.52
N GLY C 328 -33.39 -25.87 5.08
CA GLY C 328 -32.69 -24.67 5.47
C GLY C 328 -33.00 -23.48 4.58
N GLU C 329 -32.22 -22.42 4.78
CA GLU C 329 -32.36 -21.17 4.04
C GLU C 329 -31.25 -21.07 3.00
N ILE C 330 -31.63 -20.90 1.75
CA ILE C 330 -30.67 -20.72 0.67
C ILE C 330 -29.93 -19.40 0.89
N MET C 331 -28.61 -19.43 0.77
CA MET C 331 -27.82 -18.23 0.97
CA MET C 331 -27.81 -18.22 0.97
C MET C 331 -28.02 -17.27 -0.19
N PRO C 332 -28.47 -16.04 0.06
CA PRO C 332 -28.63 -15.07 -1.04
C PRO C 332 -27.28 -14.58 -1.54
N ASN C 333 -27.34 -13.80 -2.62
CA ASN C 333 -26.13 -13.43 -3.35
C ASN C 333 -26.00 -11.92 -3.56
N ILE C 334 -26.14 -11.13 -2.49
CA ILE C 334 -25.99 -9.69 -2.61
C ILE C 334 -24.91 -9.19 -1.66
N PRO C 335 -24.18 -8.11 -2.01
CA PRO C 335 -23.00 -7.72 -1.22
C PRO C 335 -23.28 -7.27 0.21
N GLN C 336 -24.52 -6.88 0.52
CA GLN C 336 -24.80 -6.32 1.85
C GLN C 336 -24.70 -7.35 2.98
N MET C 337 -24.48 -8.63 2.66
CA MET C 337 -24.33 -9.56 3.77
C MET C 337 -22.98 -9.50 4.44
N SER C 338 -22.02 -8.74 3.93
CA SER C 338 -20.91 -8.37 4.78
C SER C 338 -21.43 -7.62 6.00
N ALA C 339 -22.30 -6.62 5.77
CA ALA C 339 -22.94 -5.91 6.87
C ALA C 339 -23.84 -6.84 7.69
N PHE C 340 -24.54 -7.76 7.02
CA PHE C 340 -25.40 -8.70 7.73
C PHE C 340 -24.59 -9.57 8.69
N TRP C 341 -23.48 -10.13 8.20
CA TRP C 341 -22.62 -10.94 9.04
C TRP C 341 -22.06 -10.12 10.20
N TYR C 342 -21.61 -8.89 9.93
CA TYR C 342 -21.08 -8.05 10.99
C TYR C 342 -22.12 -7.79 12.07
N ALA C 343 -23.34 -7.42 11.65
CA ALA C 343 -24.39 -7.10 12.61
C ALA C 343 -24.81 -8.33 13.42
N VAL C 344 -24.99 -9.47 12.77
CA VAL C 344 -25.42 -10.67 13.49
C VAL C 344 -24.31 -11.15 14.43
N ARG C 345 -23.05 -11.05 14.00
CA ARG C 345 -21.94 -11.43 14.87
C ARG C 345 -21.89 -10.53 16.10
N THR C 346 -22.04 -9.22 15.90
CA THR C 346 -22.03 -8.31 17.04
C THR C 346 -23.19 -8.59 17.98
N ALA C 347 -24.37 -8.85 17.44
CA ALA C 347 -25.53 -9.16 18.28
C ALA C 347 -25.31 -10.44 19.08
N VAL C 348 -24.77 -11.48 18.43
CA VAL C 348 -24.55 -12.75 19.12
C VAL C 348 -23.50 -12.59 20.22
N ILE C 349 -22.40 -11.88 19.93
CA ILE C 349 -21.37 -11.68 20.95
C ILE C 349 -21.93 -10.87 22.12
N ASN C 350 -22.70 -9.82 21.83
CA ASN C 350 -23.27 -9.01 22.91
C ASN C 350 -24.24 -9.81 23.75
N ALA C 351 -25.07 -10.65 23.12
CA ALA C 351 -26.03 -11.46 23.87
C ALA C 351 -25.34 -12.51 24.72
N ALA C 352 -24.32 -13.18 24.15
CA ALA C 352 -23.65 -14.24 24.90
C ALA C 352 -22.79 -13.68 26.03
N SER C 353 -22.14 -12.54 25.80
CA SER C 353 -21.26 -11.96 26.80
C SER C 353 -21.99 -11.23 27.91
N GLY C 354 -23.29 -10.98 27.75
CA GLY C 354 -24.07 -10.33 28.79
C GLY C 354 -24.00 -8.83 28.80
N ARG C 355 -23.26 -8.20 27.88
CA ARG C 355 -23.20 -6.75 27.83
C ARG C 355 -24.54 -6.15 27.45
N GLN C 356 -25.29 -6.81 26.57
CA GLN C 356 -26.59 -6.34 26.12
C GLN C 356 -27.59 -7.49 26.15
N THR C 357 -28.86 -7.13 26.31
CA THR C 357 -29.93 -8.12 26.30
C THR C 357 -30.20 -8.57 24.87
N VAL C 358 -31.02 -9.63 24.75
CA VAL C 358 -31.32 -10.19 23.44
C VAL C 358 -32.06 -9.17 22.57
N ASP C 359 -33.06 -8.49 23.14
CA ASP C 359 -33.84 -7.53 22.37
C ASP C 359 -32.97 -6.36 21.91
N GLU C 360 -32.16 -5.82 22.82
CA GLU C 360 -31.28 -4.71 22.46
C GLU C 360 -30.27 -5.13 21.40
N ALA C 361 -29.68 -6.32 21.55
CA ALA C 361 -28.70 -6.80 20.58
C ALA C 361 -29.33 -6.97 19.21
N LEU C 362 -30.53 -7.56 19.14
CA LEU C 362 -31.18 -7.76 17.85
C LEU C 362 -31.61 -6.43 17.24
N LYS C 363 -32.06 -5.48 18.06
CA LYS C 363 -32.40 -4.16 17.55
C LYS C 363 -31.16 -3.47 16.97
N ASP C 364 -30.03 -3.56 17.67
CA ASP C 364 -28.79 -2.96 17.17
C ASP C 364 -28.35 -3.63 15.87
N ALA C 365 -28.49 -4.95 15.78
CA ALA C 365 -28.15 -5.64 14.54
C ALA C 365 -29.04 -5.20 13.41
N GLN C 366 -30.35 -5.04 13.67
CA GLN C 366 -31.28 -4.59 12.64
C GLN C 366 -30.94 -3.17 12.18
N THR C 367 -30.66 -2.27 13.12
CA THR C 367 -30.35 -0.90 12.77
C THR C 367 -28.94 -0.76 12.20
N SER D 1 -10.56 -5.67 -7.23
CA SER D 1 -10.20 -6.07 -5.88
C SER D 1 -9.96 -4.85 -4.99
N GLN D 2 -10.92 -4.55 -4.13
CA GLN D 2 -10.83 -3.41 -3.22
C GLN D 2 -9.96 -3.69 -2.00
N VAL D 3 -9.68 -4.96 -1.71
CA VAL D 3 -8.86 -5.35 -0.55
C VAL D 3 -7.53 -5.88 -1.08
N GLN D 4 -6.44 -5.27 -0.63
CA GLN D 4 -5.10 -5.65 -1.06
C GLN D 4 -4.26 -5.96 0.16
N LEU D 5 -3.50 -7.06 0.10
CA LEU D 5 -2.59 -7.46 1.16
C LEU D 5 -1.16 -7.47 0.62
N VAL D 6 -0.27 -6.78 1.33
CA VAL D 6 1.13 -6.68 0.96
C VAL D 6 1.98 -7.25 2.08
N GLU D 7 2.85 -8.20 1.75
CA GLU D 7 3.71 -8.86 2.73
C GLU D 7 5.13 -8.30 2.62
N ASN D 8 5.71 -7.96 3.77
CA ASN D 8 7.07 -7.44 3.82
C ASN D 8 7.67 -7.77 5.18
N GLY D 9 9.00 -7.68 5.26
CA GLY D 9 9.71 -7.95 6.49
C GLY D 9 10.35 -9.31 6.60
N GLY D 10 10.30 -10.11 5.54
CA GLY D 10 10.94 -11.42 5.54
C GLY D 10 12.36 -11.32 5.05
N GLY D 11 13.30 -11.86 5.83
CA GLY D 11 14.70 -11.72 5.52
C GLY D 11 15.47 -12.99 5.82
N CYS D 12 16.71 -13.00 5.35
CA CYS D 12 17.61 -14.12 5.58
C CYS D 12 18.10 -14.11 7.03
N VAL D 13 17.61 -15.07 7.82
CA VAL D 13 17.83 -15.08 9.26
C VAL D 13 18.47 -16.40 9.67
N LYS D 14 19.48 -16.33 10.53
CA LYS D 14 20.15 -17.51 11.03
C LYS D 14 19.24 -18.28 11.98
N ALA D 15 19.67 -19.49 12.34
CA ALA D 15 18.91 -20.32 13.26
C ALA D 15 18.87 -19.67 14.64
N GLY D 16 17.70 -19.73 15.27
CA GLY D 16 17.52 -19.15 16.59
C GLY D 16 17.26 -17.66 16.61
N GLY D 17 17.22 -17.00 15.45
CA GLY D 17 17.00 -15.57 15.41
C GLY D 17 15.53 -15.22 15.51
N SER D 18 15.27 -13.92 15.60
CA SER D 18 13.93 -13.38 15.71
CA SER D 18 13.93 -13.38 15.71
C SER D 18 13.63 -12.49 14.52
N LEU D 19 12.47 -12.68 13.90
CA LEU D 19 12.05 -11.91 12.75
C LEU D 19 10.59 -11.52 12.91
N ARG D 20 10.22 -10.36 12.37
CA ARG D 20 8.86 -9.85 12.43
C ARG D 20 8.36 -9.58 11.02
N LEU D 21 7.17 -10.08 10.70
CA LEU D 21 6.55 -9.88 9.41
C LEU D 21 5.39 -8.91 9.52
N SER D 22 5.15 -8.16 8.45
CA SER D 22 4.09 -7.17 8.41
C SER D 22 3.20 -7.40 7.20
N CYS D 23 1.90 -7.17 7.37
CA CYS D 23 0.92 -7.32 6.30
C CYS D 23 -0.06 -6.16 6.41
N VAL D 24 -0.07 -5.30 5.40
CA VAL D 24 -0.89 -4.09 5.40
C VAL D 24 -2.13 -4.33 4.54
N ALA D 25 -3.30 -4.06 5.11
CA ALA D 25 -4.57 -4.19 4.41
C ALA D 25 -5.09 -2.80 4.07
N SER D 26 -5.46 -2.62 2.80
CA SER D 26 -5.93 -1.33 2.31
C SER D 26 -7.28 -1.50 1.61
N GLY D 27 -8.06 -0.43 1.61
CA GLY D 27 -9.36 -0.44 0.96
C GLY D 27 -10.51 -0.65 1.93
N ASP D 28 -11.62 -1.18 1.43
CA ASP D 28 -12.80 -1.44 2.25
C ASP D 28 -12.56 -2.71 3.06
N ILE D 29 -11.91 -2.55 4.20
CA ILE D 29 -11.55 -3.67 5.06
C ILE D 29 -12.32 -3.62 6.39
N LYS D 30 -13.44 -2.89 6.42
CA LYS D 30 -14.22 -2.77 7.65
C LYS D 30 -14.95 -4.06 7.99
N TYR D 31 -15.19 -4.93 7.02
CA TYR D 31 -15.96 -6.15 7.22
C TYR D 31 -15.09 -7.38 7.43
N ILE D 32 -13.78 -7.23 7.44
CA ILE D 32 -12.88 -8.37 7.65
C ILE D 32 -12.78 -8.65 9.14
N SER D 33 -13.04 -9.90 9.53
CA SER D 33 -13.01 -10.30 10.92
CA SER D 33 -13.01 -10.30 10.92
C SER D 33 -11.95 -11.34 11.24
N TYR D 34 -11.36 -11.99 10.24
CA TYR D 34 -10.33 -13.00 10.45
C TYR D 34 -9.06 -12.61 9.71
N LEU D 35 -7.94 -12.58 10.42
CA LEU D 35 -6.62 -12.36 9.84
C LEU D 35 -5.79 -13.61 10.09
N GLY D 36 -5.25 -14.18 9.01
CA GLY D 36 -4.49 -15.42 9.11
C GLY D 36 -3.18 -15.33 8.38
N TRP D 37 -2.23 -16.17 8.81
CA TRP D 37 -0.91 -16.25 8.21
C TRP D 37 -0.69 -17.68 7.74
N PHE D 38 -0.15 -17.82 6.53
CA PHE D 38 0.10 -19.12 5.93
C PHE D 38 1.51 -19.16 5.37
N ARG D 39 2.13 -20.33 5.42
CA ARG D 39 3.45 -20.56 4.86
C ARG D 39 3.40 -21.73 3.88
N GLN D 40 4.17 -21.64 2.81
CA GLN D 40 4.15 -22.63 1.75
C GLN D 40 5.58 -22.87 1.27
N ALA D 41 6.12 -24.05 1.60
CA ALA D 41 7.41 -24.44 1.06
C ALA D 41 7.28 -24.74 -0.43
N PRO D 42 8.37 -24.57 -1.19
CA PRO D 42 8.30 -24.86 -2.64
C PRO D 42 7.92 -26.31 -2.89
N GLY D 43 6.85 -26.49 -3.67
CA GLY D 43 6.35 -27.82 -3.96
C GLY D 43 5.65 -28.49 -2.79
N LYS D 44 5.14 -27.72 -1.84
CA LYS D 44 4.50 -28.26 -0.65
C LYS D 44 3.15 -27.58 -0.45
N GLU D 45 2.23 -28.31 0.19
CA GLU D 45 0.91 -27.77 0.46
C GLU D 45 1.00 -26.58 1.41
N ARG D 46 0.20 -25.54 1.11
CA ARG D 46 0.15 -24.35 1.96
C ARG D 46 -0.45 -24.72 3.30
N GLU D 47 0.29 -24.48 4.38
CA GLU D 47 -0.13 -24.84 5.72
C GLU D 47 -0.41 -23.59 6.55
N GLY D 48 -1.41 -23.68 7.42
CA GLY D 48 -1.73 -22.58 8.30
C GLY D 48 -0.79 -22.53 9.48
N VAL D 49 -0.26 -21.33 9.76
CA VAL D 49 0.68 -21.15 10.85
C VAL D 49 0.10 -20.33 12.00
N ALA D 50 -0.77 -19.35 11.71
CA ALA D 50 -1.38 -18.55 12.76
C ALA D 50 -2.69 -17.97 12.23
N ALA D 51 -3.56 -17.59 13.16
CA ALA D 51 -4.83 -16.98 12.83
C ALA D 51 -5.26 -16.06 13.95
N LEU D 52 -5.93 -14.97 13.59
CA LEU D 52 -6.38 -13.97 14.56
C LEU D 52 -7.85 -13.66 14.33
N TYR D 53 -8.60 -13.53 15.41
CA TYR D 53 -10.01 -13.15 15.37
C TYR D 53 -10.11 -11.69 15.79
N THR D 54 -10.46 -10.82 14.83
CA THR D 54 -10.45 -9.38 15.09
C THR D 54 -11.49 -8.99 16.14
N SER D 55 -12.67 -9.61 16.09
CA SER D 55 -13.78 -9.16 16.92
C SER D 55 -13.46 -9.30 18.41
N THR D 56 -12.85 -10.42 18.82
CA THR D 56 -12.59 -10.68 20.22
C THR D 56 -11.10 -10.78 20.56
N GLY D 57 -10.21 -10.71 19.58
CA GLY D 57 -8.80 -10.83 19.84
C GLY D 57 -8.30 -12.25 20.02
N ARG D 58 -9.15 -13.25 19.79
CA ARG D 58 -8.72 -14.63 19.94
C ARG D 58 -7.69 -15.00 18.88
N THR D 59 -6.67 -15.75 19.29
CA THR D 59 -5.58 -16.14 18.43
C THR D 59 -5.53 -17.66 18.28
N TYR D 60 -5.04 -18.11 17.12
CA TYR D 60 -4.90 -19.53 16.83
C TYR D 60 -3.48 -19.79 16.34
N TYR D 61 -2.88 -20.88 16.83
CA TYR D 61 -1.54 -21.27 16.42
C TYR D 61 -1.51 -22.76 16.13
N ALA D 62 -0.68 -23.15 15.17
CA ALA D 62 -0.48 -24.56 14.88
C ALA D 62 0.35 -25.22 15.98
N ASP D 63 0.32 -26.56 16.00
CA ASP D 63 1.04 -27.29 17.02
C ASP D 63 2.55 -27.08 16.91
N SER D 64 3.08 -27.07 15.68
CA SER D 64 4.52 -26.93 15.49
C SER D 64 5.03 -25.55 15.89
N VAL D 65 4.17 -24.53 15.93
CA VAL D 65 4.58 -23.17 16.22
C VAL D 65 3.90 -22.62 17.46
N LYS D 66 3.17 -23.45 18.20
CA LYS D 66 2.50 -22.98 19.41
C LYS D 66 3.53 -22.63 20.47
N GLY D 67 3.39 -21.46 21.07
CA GLY D 67 4.33 -20.96 22.05
C GLY D 67 5.59 -20.34 21.46
N ARG D 68 5.70 -20.26 20.14
CA ARG D 68 6.86 -19.67 19.48
C ARG D 68 6.52 -18.48 18.61
N PHE D 69 5.32 -18.43 18.03
CA PHE D 69 4.90 -17.33 17.18
C PHE D 69 3.84 -16.50 17.87
N THR D 70 3.86 -15.19 17.62
CA THR D 70 2.91 -14.26 18.21
C THR D 70 2.37 -13.36 17.12
N VAL D 71 1.06 -13.44 16.87
CA VAL D 71 0.39 -12.65 15.85
C VAL D 71 -0.48 -11.60 16.53
N SER D 72 -0.42 -10.37 16.02
CA SER D 72 -1.20 -9.27 16.57
C SER D 72 -1.56 -8.31 15.44
N LEU D 73 -2.65 -7.58 15.66
CA LEU D 73 -3.16 -6.63 14.68
C LEU D 73 -3.19 -5.23 15.28
N ASP D 74 -2.75 -4.25 14.51
CA ASP D 74 -2.76 -2.85 14.91
C ASP D 74 -3.93 -2.15 14.21
N ASN D 75 -4.97 -1.81 14.96
CA ASN D 75 -6.13 -1.15 14.37
C ASN D 75 -5.78 0.26 13.88
N ALA D 76 -4.93 0.98 14.60
CA ALA D 76 -4.58 2.34 14.21
C ALA D 76 -3.74 2.40 12.94
N LYS D 77 -3.14 1.28 12.53
CA LYS D 77 -2.33 1.24 11.33
C LYS D 77 -2.86 0.28 10.28
N ASN D 78 -3.92 -0.49 10.58
CA ASN D 78 -4.50 -1.45 9.66
C ASN D 78 -3.46 -2.45 9.16
N THR D 79 -2.57 -2.87 10.06
CA THR D 79 -1.50 -3.79 9.74
C THR D 79 -1.43 -4.90 10.78
N VAL D 80 -1.29 -6.13 10.32
CA VAL D 80 -1.19 -7.30 11.19
C VAL D 80 0.26 -7.78 11.17
N TYR D 81 0.78 -8.12 12.35
CA TYR D 81 2.16 -8.53 12.52
C TYR D 81 2.22 -9.94 13.09
N LEU D 82 3.32 -10.64 12.80
CA LEU D 82 3.57 -11.95 13.37
C LEU D 82 5.03 -12.01 13.81
N GLN D 83 5.26 -12.37 15.06
CA GLN D 83 6.61 -12.43 15.62
C GLN D 83 7.15 -13.85 15.47
N MET D 84 8.25 -13.98 14.74
CA MET D 84 8.85 -15.29 14.44
C MET D 84 10.04 -15.47 15.37
N ASN D 85 9.78 -16.04 16.55
CA ASN D 85 10.80 -16.22 17.58
C ASN D 85 11.22 -17.69 17.64
N SER D 86 12.46 -17.91 18.07
CA SER D 86 13.05 -19.25 18.20
C SER D 86 12.97 -20.01 16.88
N LEU D 87 13.62 -19.45 15.87
CA LEU D 87 13.56 -20.01 14.53
C LEU D 87 14.35 -21.30 14.43
N LYS D 88 13.90 -22.18 13.56
CA LYS D 88 14.53 -23.46 13.24
C LYS D 88 14.62 -23.60 11.73
N PRO D 89 15.55 -24.43 11.25
CA PRO D 89 15.69 -24.59 9.78
C PRO D 89 14.43 -25.08 9.10
N GLU D 90 13.57 -25.81 9.81
CA GLU D 90 12.32 -26.31 9.23
C GLU D 90 11.32 -25.19 8.96
N ASP D 91 11.55 -23.99 9.46
CA ASP D 91 10.59 -22.90 9.35
C ASP D 91 10.69 -22.14 8.02
N THR D 92 11.64 -22.50 7.15
CA THR D 92 11.79 -21.78 5.89
C THR D 92 10.66 -22.15 4.94
N ALA D 93 10.01 -21.12 4.38
CA ALA D 93 8.91 -21.26 3.44
C ALA D 93 8.52 -19.86 2.97
N LEU D 94 7.58 -19.82 2.02
CA LEU D 94 7.02 -18.57 1.54
C LEU D 94 5.79 -18.24 2.39
N TYR D 95 5.88 -17.18 3.17
CA TYR D 95 4.84 -16.82 4.13
C TYR D 95 3.81 -15.91 3.46
N TYR D 96 2.54 -16.27 3.57
CA TYR D 96 1.44 -15.54 2.96
C TYR D 96 0.58 -14.89 4.03
N CYS D 97 -0.14 -13.85 3.61
CA CYS D 97 -1.09 -13.15 4.47
C CYS D 97 -2.49 -13.34 3.91
N ALA D 98 -3.44 -13.69 4.79
CA ALA D 98 -4.80 -13.98 4.39
C ALA D 98 -5.78 -13.24 5.29
N ALA D 99 -6.93 -12.89 4.71
CA ALA D 99 -7.99 -12.20 5.42
C ALA D 99 -9.33 -12.65 4.87
N ALA D 100 -10.35 -12.66 5.73
CA ALA D 100 -11.68 -13.09 5.34
C ALA D 100 -12.72 -12.44 6.24
N GLU D 101 -13.86 -12.09 5.65
CA GLU D 101 -14.96 -11.55 6.44
C GLU D 101 -15.55 -12.61 7.37
N TRP D 102 -15.70 -13.83 6.88
CA TRP D 102 -16.28 -14.92 7.66
C TRP D 102 -15.86 -16.24 7.04
N GLY D 103 -16.23 -17.32 7.71
CA GLY D 103 -15.93 -18.65 7.20
C GLY D 103 -16.70 -19.70 7.96
N SER D 104 -16.84 -20.86 7.32
CA SER D 104 -17.59 -21.98 7.89
C SER D 104 -16.71 -23.10 8.41
N GLN D 105 -15.39 -22.98 8.27
CA GLN D 105 -14.48 -24.04 8.70
C GLN D 105 -13.41 -23.49 9.64
N SER D 106 -12.39 -24.31 9.93
CA SER D 106 -11.34 -23.89 10.84
C SER D 106 -10.58 -22.70 10.26
N PRO D 107 -10.20 -21.73 11.08
CA PRO D 107 -9.48 -20.55 10.56
C PRO D 107 -8.04 -20.83 10.17
N LEU D 108 -7.58 -22.09 10.24
CA LEU D 108 -6.23 -22.45 9.83
C LEU D 108 -6.20 -23.11 8.46
N THR D 109 -7.29 -23.06 7.72
CA THR D 109 -7.37 -23.66 6.40
C THR D 109 -7.23 -22.59 5.32
N GLN D 110 -6.50 -22.92 4.25
CA GLN D 110 -6.31 -21.97 3.16
C GLN D 110 -7.61 -21.60 2.48
N TRP D 111 -8.54 -22.56 2.36
CA TRP D 111 -9.83 -22.30 1.74
C TRP D 111 -10.73 -21.45 2.61
N PHE D 112 -10.38 -21.25 3.89
CA PHE D 112 -11.19 -20.44 4.78
C PHE D 112 -11.22 -18.98 4.32
N TYR D 113 -10.08 -18.47 3.85
CA TYR D 113 -9.92 -17.05 3.58
C TYR D 113 -10.19 -16.73 2.11
N ARG D 114 -10.71 -15.52 1.88
CA ARG D 114 -11.00 -15.01 0.55
C ARG D 114 -9.88 -14.14 -0.02
N TYR D 115 -9.33 -13.23 0.79
CA TYR D 115 -8.30 -12.32 0.33
C TYR D 115 -6.93 -12.91 0.59
N TRP D 116 -6.06 -12.85 -0.42
CA TRP D 116 -4.71 -13.40 -0.32
C TRP D 116 -3.70 -12.35 -0.76
N GLY D 117 -2.52 -12.39 -0.14
CA GLY D 117 -1.44 -11.47 -0.46
C GLY D 117 -0.43 -12.08 -1.40
N GLN D 118 0.56 -11.25 -1.77
CA GLN D 118 1.62 -11.69 -2.67
C GLN D 118 2.56 -12.68 -1.99
N GLY D 119 2.83 -12.51 -0.71
CA GLY D 119 3.67 -13.44 0.03
C GLY D 119 5.10 -12.99 0.20
N THR D 120 5.66 -13.23 1.39
CA THR D 120 7.04 -12.92 1.70
C THR D 120 7.77 -14.20 2.04
N GLN D 121 9.08 -14.23 1.72
CA GLN D 121 9.88 -15.43 1.88
C GLN D 121 10.85 -15.26 3.06
N VAL D 122 10.88 -16.26 3.93
CA VAL D 122 11.78 -16.29 5.08
C VAL D 122 12.61 -17.57 4.99
N MET D 123 13.92 -17.43 5.03
CA MET D 123 14.84 -18.56 5.01
C MET D 123 15.56 -18.65 6.34
N VAL D 124 15.65 -19.86 6.89
CA VAL D 124 16.38 -20.13 8.11
C VAL D 124 17.41 -21.20 7.83
N SER D 125 18.66 -20.94 8.19
CA SER D 125 19.76 -21.88 7.95
C SER D 125 20.11 -22.64 9.23
#